data_7ANK
#
_entry.id   7ANK
#
_cell.length_a   68.6
_cell.length_b   56.92
_cell.length_c   209.38
_cell.angle_alpha   90
_cell.angle_beta   94.56
_cell.angle_gamma   90
#
_symmetry.space_group_name_H-M   'P 1 21 1'
#
loop_
_entity.id
_entity.type
_entity.pdbx_description
1 polymer Alpha-actinin-2
2 polymer Alpha-actinin-2
3 polymer Myozenin-1
#
loop_
_entity_poly.entity_id
_entity_poly.type
_entity_poly.pdbx_seq_one_letter_code
_entity_poly.pdbx_strand_id
1 'polypeptide(L)'
;MNQIEPGVQYNYVYDEDEYMIQEEEWDRDLLLDPAWEKQQRKTFTAWCNSHLRKAGTQIENIEEDFRNGLKLMLLLEVIS
GERLPKPDRGKMRFHKIANVNKALDYIASKGVKLVSIGAEEIVDGNVKMTLGMIWTIILRFAIQDISVEETSAKEGLLLW
CQRKTAPYRNVNIQNFHTSWKDGLGLCALIHRHRPDLIDYSKLNKDDPIGNINLAMEIAEKHLDIPKMLDAEDIVNTPKP
DERAIMTYVSCFYHAFAGAEQAETAANRICKVLAVNQENERLMEEYERLASELLEWIRRTIPWLENRTPEKTMQAMQKKL
EDFRDYRRKHKPPKVQEKCQLEINFNTLQTKLRISNRPAFMPSEGKMVSDIAGAWQRLEQAEKGYEEWLLNEIRRLERLE
HLAEKFRQKASTHETWAYGKEQILLQKDYESASLTEVRALLRKHEAFESDLAAHQDRVEQIAAIAQELNELDYHDAVNVN
DRCQKICDQWDRLGTLTQKRREALERMSERVRNFEDPAANKARKEAELAAATAEQ
;
A
2 'polypeptide(L)'
;GSSKLLETIDQLHLEFAKRAAPFNNWMEGAMEDLQDMFIVHSIEEIQSLITAHEQFKATLPEADGERQSIMAIQNEVEKV
IQSYNIRISSSNPYSTVTMDELRTKWDKVKQLVPIRDQSLQEELARQHANERLRRQFAAQANAIGPWIQNKMEEIARSSI
QITGALEDQMNQLKQYEHNIINYKNNIDKLEGDHQLIQEALVFDNKHTNYTMEHIRVGWELLLTTIARTINEVETQILTR
DAKGITQEQMNEFRASFNHFDRRKNGLMDHEDFRACLISMGYDLGEAEFARIMTLVDPNGQGTVTFQSFIDFMTRETADT
DTAEQVIASFRILASDKPYILAEELRRELPPDQAQYCIKRMPAYSGPGSVPGALDYAAFSSALYGESDL
;
B
3 'polypeptide(L)'
;GPTVGGQLGTAGQGFSYSKSNGRGGSQAGGSGSAGQYGSDQQHHLGSGSGAGGTGGPAGQAGRGGAAGTAGVGETGSGDQ
AGGEGKHITVFKTYISPWERAMGVDPQQKMELGIDLLAYGAKAELPKYKSFNRTAMPYGGYEKASKRMTFQMPKFDLGPL
LSEPLVLYNQNLSNRPSFNRTPIPWLSSGEPVDYNVDIGIPLDGETEEL
;
C
#
# COMPACT_ATOMS: atom_id res chain seq x y z
N ALA A 35 71.13 -11.42 -44.58
CA ALA A 35 70.09 -12.35 -44.16
C ALA A 35 68.75 -11.63 -43.89
N TRP A 36 68.81 -10.36 -43.49
CA TRP A 36 67.61 -9.56 -43.20
C TRP A 36 66.73 -9.35 -44.43
N GLU A 37 67.35 -9.28 -45.62
CA GLU A 37 66.63 -9.03 -46.87
C GLU A 37 65.81 -10.23 -47.33
N LYS A 38 66.25 -11.46 -47.02
CA LYS A 38 65.53 -12.66 -47.43
C LYS A 38 64.17 -12.79 -46.69
N GLN A 39 64.14 -12.33 -45.44
CA GLN A 39 62.99 -12.38 -44.54
C GLN A 39 62.04 -11.20 -44.77
N GLN A 40 62.58 -10.04 -45.14
CA GLN A 40 61.76 -8.87 -45.44
C GLN A 40 61.03 -9.06 -46.76
N ARG A 41 61.71 -9.61 -47.77
CA ARG A 41 61.17 -9.86 -49.11
C ARG A 41 59.97 -10.81 -49.09
N LYS A 42 60.00 -11.88 -48.28
CA LYS A 42 58.91 -12.85 -48.25
C LYS A 42 57.72 -12.31 -47.43
N THR A 43 58.01 -11.65 -46.31
CA THR A 43 57.00 -11.13 -45.42
C THR A 43 56.27 -9.93 -46.00
N PHE A 44 57.01 -8.91 -46.46
CA PHE A 44 56.39 -7.71 -47.01
C PHE A 44 55.69 -7.99 -48.36
N THR A 45 56.01 -9.10 -49.03
CA THR A 45 55.35 -9.46 -50.27
C THR A 45 54.01 -10.13 -49.93
N ALA A 46 54.00 -11.15 -49.05
CA ALA A 46 52.74 -11.82 -48.70
C ALA A 46 51.83 -10.96 -47.79
N TRP A 47 52.38 -9.94 -47.10
CA TRP A 47 51.51 -9.00 -46.37
C TRP A 47 50.84 -8.10 -47.38
N CYS A 48 51.60 -7.65 -48.40
CA CYS A 48 51.06 -6.86 -49.49
C CYS A 48 50.02 -7.67 -50.24
N ASN A 49 50.25 -8.97 -50.44
CA ASN A 49 49.33 -9.88 -51.11
C ASN A 49 48.07 -10.11 -50.26
N SER A 50 48.20 -10.13 -48.93
CA SER A 50 47.06 -10.31 -48.02
C SER A 50 46.06 -9.16 -48.13
N HIS A 51 46.53 -7.94 -48.43
CA HIS A 51 45.65 -6.78 -48.56
C HIS A 51 45.43 -6.39 -50.03
N LEU A 52 46.26 -6.87 -50.96
CA LEU A 52 46.11 -6.60 -52.39
C LEU A 52 45.26 -7.70 -53.07
N ARG A 53 44.97 -8.84 -52.39
CA ARG A 53 44.06 -9.86 -52.93
C ARG A 53 42.67 -9.24 -53.07
N LYS A 54 42.27 -8.43 -52.07
CA LYS A 54 41.03 -7.69 -51.99
C LYS A 54 41.00 -6.62 -53.09
N ALA A 55 42.10 -5.88 -53.25
CA ALA A 55 42.26 -4.83 -54.26
C ALA A 55 42.14 -5.33 -55.72
N GLY A 56 42.24 -6.64 -55.94
CA GLY A 56 42.12 -7.21 -57.27
C GLY A 56 43.41 -7.24 -58.06
N THR A 57 44.55 -7.29 -57.37
CA THR A 57 45.86 -7.38 -58.01
C THR A 57 46.85 -8.08 -57.09
N GLN A 58 47.93 -8.64 -57.65
CA GLN A 58 48.92 -9.35 -56.86
C GLN A 58 50.34 -8.99 -57.27
N ILE A 59 51.27 -9.06 -56.34
CA ILE A 59 52.67 -8.77 -56.63
C ILE A 59 53.51 -10.06 -56.57
N GLU A 60 54.60 -10.11 -57.33
CA GLU A 60 55.51 -11.25 -57.34
C GLU A 60 56.91 -10.74 -56.97
N ASN A 61 57.34 -9.66 -57.62
CA ASN A 61 58.64 -9.04 -57.34
C ASN A 61 58.38 -7.66 -56.77
N ILE A 62 58.47 -7.55 -55.43
CA ILE A 62 58.19 -6.33 -54.67
C ILE A 62 59.07 -5.14 -55.11
N GLU A 63 60.28 -5.41 -55.64
CA GLU A 63 61.18 -4.36 -56.11
C GLU A 63 60.90 -3.92 -57.57
N GLU A 64 59.97 -4.60 -58.28
CA GLU A 64 59.67 -4.33 -59.68
C GLU A 64 58.21 -3.88 -59.89
N ASP A 65 57.27 -4.56 -59.22
CA ASP A 65 55.84 -4.25 -59.37
C ASP A 65 55.47 -2.91 -58.71
N PHE A 66 56.17 -2.52 -57.63
CA PHE A 66 55.88 -1.26 -56.95
C PHE A 66 56.54 -0.05 -57.63
N ARG A 67 57.44 -0.26 -58.62
CA ARG A 67 58.16 0.79 -59.31
C ARG A 67 57.24 1.85 -59.92
N ASN A 68 56.19 1.44 -60.64
CA ASN A 68 55.28 2.41 -61.26
C ASN A 68 54.50 3.26 -60.24
N GLY A 69 54.32 2.73 -59.04
CA GLY A 69 53.58 3.41 -57.98
C GLY A 69 52.09 3.13 -57.97
N LEU A 70 51.59 2.38 -58.96
CA LEU A 70 50.18 2.04 -59.07
C LEU A 70 49.79 1.06 -57.97
N LYS A 71 50.62 0.05 -57.74
CA LYS A 71 50.35 -0.96 -56.71
C LYS A 71 50.50 -0.37 -55.30
N LEU A 72 51.38 0.63 -55.12
CA LEU A 72 51.59 1.24 -53.82
C LEU A 72 50.41 2.14 -53.46
N MET A 73 49.92 2.95 -54.41
CA MET A 73 48.77 3.82 -54.18
C MET A 73 47.49 3.02 -53.97
N LEU A 74 47.40 1.81 -54.56
CA LEU A 74 46.23 0.96 -54.40
C LEU A 74 46.27 0.26 -53.03
N LEU A 75 47.49 -0.10 -52.55
CA LEU A 75 47.68 -0.74 -51.25
C LEU A 75 47.32 0.22 -50.10
N LEU A 76 47.60 1.51 -50.28
CA LEU A 76 47.26 2.51 -49.26
C LEU A 76 45.74 2.75 -49.21
N GLU A 77 45.04 2.63 -50.35
CA GLU A 77 43.59 2.82 -50.39
C GLU A 77 42.84 1.71 -49.65
N VAL A 78 43.39 0.49 -49.64
CA VAL A 78 42.75 -0.66 -49.00
C VAL A 78 43.01 -0.74 -47.48
N ILE A 79 44.28 -0.69 -47.05
CA ILE A 79 44.63 -0.80 -45.64
C ILE A 79 44.13 0.38 -44.79
N SER A 80 43.91 1.55 -45.42
CA SER A 80 43.38 2.71 -44.71
C SER A 80 41.86 2.82 -44.86
N GLY A 81 41.34 2.41 -46.01
CA GLY A 81 39.91 2.49 -46.31
C GLY A 81 39.46 3.91 -46.54
N GLU A 82 40.38 4.79 -46.97
CA GLU A 82 40.09 6.19 -47.19
C GLU A 82 40.28 6.58 -48.66
N ARG A 83 39.73 7.75 -49.05
CA ARG A 83 39.82 8.28 -50.40
C ARG A 83 41.25 8.81 -50.68
N LEU A 84 41.85 8.39 -51.80
CA LEU A 84 43.20 8.78 -52.17
C LEU A 84 43.25 9.48 -53.55
N PRO A 85 44.31 10.30 -53.81
CA PRO A 85 44.40 10.96 -55.13
C PRO A 85 44.47 9.96 -56.31
N LYS A 86 44.32 10.47 -57.55
CA LYS A 86 44.31 9.64 -58.75
C LYS A 86 45.74 9.32 -59.30
N PRO A 87 46.08 8.03 -59.34
CA PRO A 87 47.39 7.62 -59.89
C PRO A 87 47.49 7.70 -61.43
N ASP A 88 48.38 8.54 -62.00
CA ASP A 88 48.62 8.52 -63.45
C ASP A 88 49.23 7.14 -63.83
N ARG A 89 48.88 6.63 -65.01
CA ARG A 89 49.22 5.31 -65.53
C ARG A 89 50.72 4.96 -65.50
N GLY A 90 51.58 5.96 -65.59
CA GLY A 90 53.01 5.74 -65.47
C GLY A 90 53.76 5.12 -66.63
N LYS A 91 53.26 5.26 -67.87
CA LYS A 91 54.01 4.74 -69.03
C LYS A 91 55.27 5.60 -69.21
N MET A 92 55.12 6.92 -69.11
CA MET A 92 56.25 7.84 -69.21
C MET A 92 57.10 7.78 -67.93
N ARG A 93 58.38 8.18 -68.04
CA ARG A 93 59.31 8.16 -66.92
C ARG A 93 58.94 9.20 -65.85
N PHE A 94 58.44 10.38 -66.26
CA PHE A 94 58.04 11.43 -65.34
C PHE A 94 56.72 11.11 -64.63
N HIS A 95 55.85 10.29 -65.26
CA HIS A 95 54.57 9.92 -64.68
C HIS A 95 54.74 9.02 -63.46
N LYS A 96 55.66 8.02 -63.53
CA LYS A 96 55.93 7.09 -62.42
C LYS A 96 56.38 7.84 -61.15
N ILE A 97 57.36 8.76 -61.27
CA ILE A 97 57.85 9.55 -60.13
C ILE A 97 56.72 10.41 -59.52
N ALA A 98 55.86 11.02 -60.37
CA ALA A 98 54.76 11.91 -59.96
C ALA A 98 53.76 11.21 -59.02
N ASN A 99 53.58 9.89 -59.20
CA ASN A 99 52.68 9.05 -58.39
C ASN A 99 53.33 8.55 -57.12
N VAL A 100 54.64 8.28 -57.15
CA VAL A 100 55.39 7.88 -55.96
C VAL A 100 55.39 9.08 -54.97
N ASN A 101 55.49 10.33 -55.50
CA ASN A 101 55.42 11.59 -54.75
C ASN A 101 54.01 11.86 -54.22
N LYS A 102 52.97 11.37 -54.93
CA LYS A 102 51.57 11.51 -54.51
C LYS A 102 51.32 10.62 -53.30
N ALA A 103 51.83 9.37 -53.36
CA ALA A 103 51.70 8.40 -52.27
C ALA A 103 52.53 8.81 -51.07
N LEU A 104 53.73 9.38 -51.32
CA LEU A 104 54.58 9.84 -50.22
C LEU A 104 54.02 11.16 -49.64
N ASP A 105 53.32 11.98 -50.44
CA ASP A 105 52.64 13.19 -49.96
C ASP A 105 51.40 12.80 -49.11
N TYR A 106 50.82 11.61 -49.32
CA TYR A 106 49.73 11.10 -48.50
C TYR A 106 50.29 10.68 -47.13
N ILE A 107 51.50 10.11 -47.10
CA ILE A 107 52.19 9.70 -45.87
C ILE A 107 52.51 10.94 -44.99
N ALA A 108 52.51 12.16 -45.57
CA ALA A 108 52.73 13.39 -44.83
C ALA A 108 51.47 13.82 -44.03
N SER A 109 50.28 13.24 -44.34
CA SER A 109 49.08 13.47 -43.53
C SER A 109 49.20 12.69 -42.21
N LYS A 110 49.83 11.48 -42.25
CA LYS A 110 50.15 10.65 -41.09
C LYS A 110 51.33 11.28 -40.33
N GLY A 111 52.30 11.80 -41.08
CA GLY A 111 53.45 12.52 -40.54
C GLY A 111 54.72 11.72 -40.35
N VAL A 112 54.65 10.38 -40.48
CA VAL A 112 55.78 9.45 -40.25
C VAL A 112 57.11 9.94 -40.90
N LYS A 113 58.21 9.88 -40.11
CA LYS A 113 59.55 10.31 -40.48
C LYS A 113 60.13 9.43 -41.63
N LEU A 114 60.95 10.03 -42.50
CA LEU A 114 61.55 9.32 -43.61
C LEU A 114 62.97 8.95 -43.24
N VAL A 115 63.34 7.69 -43.46
CA VAL A 115 64.66 7.20 -43.10
C VAL A 115 65.32 6.61 -44.34
N SER A 116 66.42 7.28 -44.80
CA SER A 116 67.23 6.95 -45.98
C SER A 116 66.37 6.50 -47.15
N ILE A 117 65.37 7.32 -47.50
CA ILE A 117 64.41 7.01 -48.55
C ILE A 117 64.29 8.15 -49.59
N GLY A 118 64.28 7.76 -50.86
CA GLY A 118 64.14 8.67 -51.99
C GLY A 118 63.03 8.24 -52.92
N ALA A 119 62.22 9.20 -53.37
CA ALA A 119 61.07 8.93 -54.25
C ALA A 119 61.52 8.46 -55.66
N GLU A 120 62.71 8.89 -56.10
CA GLU A 120 63.22 8.50 -57.40
C GLU A 120 63.70 7.06 -57.37
N GLU A 121 64.40 6.66 -56.30
CA GLU A 121 64.95 5.31 -56.18
C GLU A 121 63.87 4.22 -55.98
N ILE A 122 62.60 4.60 -55.81
CA ILE A 122 61.50 3.64 -55.74
C ILE A 122 61.23 3.17 -57.19
N VAL A 123 61.13 4.14 -58.13
CA VAL A 123 60.97 3.89 -59.57
C VAL A 123 62.25 3.22 -60.13
N ASP A 124 63.43 3.60 -59.60
CA ASP A 124 64.73 3.05 -59.97
C ASP A 124 64.80 1.54 -59.64
N GLY A 125 64.18 1.13 -58.54
CA GLY A 125 64.15 -0.26 -58.12
C GLY A 125 65.06 -0.58 -56.97
N ASN A 126 65.36 0.41 -56.12
CA ASN A 126 66.24 0.22 -54.96
C ASN A 126 65.59 -0.75 -53.99
N VAL A 127 66.21 -1.91 -53.82
CA VAL A 127 65.73 -3.01 -52.99
C VAL A 127 65.73 -2.66 -51.48
N LYS A 128 66.84 -2.15 -50.95
CA LYS A 128 66.93 -1.76 -49.54
C LYS A 128 65.98 -0.59 -49.24
N MET A 129 65.78 0.31 -50.20
CA MET A 129 64.92 1.47 -50.03
C MET A 129 63.44 1.12 -50.09
N THR A 130 63.03 0.26 -51.02
CA THR A 130 61.63 -0.13 -51.18
C THR A 130 61.17 -0.97 -50.00
N LEU A 131 61.99 -1.94 -49.57
CA LEU A 131 61.67 -2.78 -48.41
C LEU A 131 61.53 -1.96 -47.13
N GLY A 132 62.38 -0.97 -46.96
CA GLY A 132 62.32 -0.09 -45.80
C GLY A 132 61.09 0.80 -45.82
N MET A 133 60.66 1.21 -47.02
CA MET A 133 59.49 2.05 -47.19
C MET A 133 58.18 1.27 -46.97
N ILE A 134 58.18 -0.04 -47.29
CA ILE A 134 57.00 -0.88 -47.06
C ILE A 134 56.78 -1.03 -45.54
N TRP A 135 57.86 -1.15 -44.77
CA TRP A 135 57.79 -1.24 -43.31
C TRP A 135 57.19 0.03 -42.68
N THR A 136 57.40 1.19 -43.32
CA THR A 136 56.82 2.46 -42.88
C THR A 136 55.30 2.40 -42.98
N ILE A 137 54.79 1.82 -44.08
CA ILE A 137 53.37 1.64 -44.37
C ILE A 137 52.75 0.61 -43.40
N ILE A 138 53.41 -0.54 -43.18
CA ILE A 138 52.92 -1.55 -42.24
C ILE A 138 52.86 -1.00 -40.82
N LEU A 139 53.88 -0.26 -40.39
CA LEU A 139 53.93 0.29 -39.03
C LEU A 139 52.83 1.32 -38.74
N ARG A 140 52.63 2.27 -39.65
CA ARG A 140 51.63 3.33 -39.45
C ARG A 140 50.21 2.79 -39.40
N PHE A 141 49.87 1.88 -40.31
CA PHE A 141 48.49 1.43 -40.43
C PHE A 141 48.18 0.13 -39.70
N ALA A 142 49.17 -0.74 -39.46
CA ALA A 142 48.90 -2.00 -38.77
C ALA A 142 49.64 -2.14 -37.43
N ILE A 143 50.26 -1.05 -36.91
CA ILE A 143 50.97 -1.14 -35.62
C ILE A 143 50.67 0.07 -34.70
N GLN A 144 50.46 1.28 -35.26
CA GLN A 144 50.23 2.47 -34.42
C GLN A 144 48.79 2.55 -33.92
N ASP A 145 47.81 2.24 -34.79
CA ASP A 145 46.39 2.22 -34.38
C ASP A 145 46.06 1.03 -33.41
N ILE A 146 47.07 0.18 -33.13
CA ILE A 146 47.02 -1.02 -32.29
C ILE A 146 47.28 -0.62 -30.83
N SER A 147 48.25 0.29 -30.61
CA SER A 147 48.64 0.77 -29.29
C SER A 147 47.62 1.72 -28.66
N VAL A 148 46.96 1.26 -27.60
CA VAL A 148 45.99 2.07 -26.86
C VAL A 148 46.60 2.57 -25.51
N GLU A 149 47.84 2.13 -25.15
CA GLU A 149 48.51 2.52 -23.92
C GLU A 149 49.48 3.70 -24.11
N GLU A 150 49.19 4.57 -25.10
CA GLU A 150 49.93 5.79 -25.48
C GLU A 150 51.45 5.58 -25.73
N THR A 151 51.91 4.32 -25.90
CA THR A 151 53.31 4.04 -26.21
C THR A 151 53.43 3.79 -27.72
N SER A 152 54.33 4.52 -28.39
CA SER A 152 54.47 4.47 -29.84
C SER A 152 55.07 3.18 -30.41
N ALA A 153 54.41 2.66 -31.46
CA ALA A 153 54.77 1.54 -32.30
C ALA A 153 55.10 0.17 -31.48
N LYS A 154 56.37 -0.32 -31.32
CA LYS A 154 56.76 -1.59 -30.71
C LYS A 154 56.34 -1.79 -29.25
N GLU A 155 56.25 -0.72 -28.46
CA GLU A 155 55.89 -0.84 -27.05
C GLU A 155 54.44 -1.27 -26.87
N GLY A 156 53.55 -0.76 -27.72
CA GLY A 156 52.14 -1.10 -27.66
C GLY A 156 51.86 -2.52 -28.13
N LEU A 157 52.66 -3.00 -29.10
CA LEU A 157 52.48 -4.34 -29.64
C LEU A 157 53.14 -5.39 -28.75
N LEU A 158 54.29 -5.05 -28.14
CA LEU A 158 55.00 -5.97 -27.25
C LEU A 158 54.20 -6.22 -25.99
N LEU A 159 53.59 -5.16 -25.43
CA LEU A 159 52.78 -5.24 -24.22
C LEU A 159 51.62 -6.19 -24.41
N TRP A 160 50.99 -6.19 -25.59
CA TRP A 160 49.88 -7.08 -25.92
C TRP A 160 50.37 -8.52 -26.01
N CYS A 161 51.54 -8.74 -26.60
CA CYS A 161 52.13 -10.06 -26.74
C CYS A 161 52.51 -10.64 -25.37
N GLN A 162 52.93 -9.79 -24.43
CA GLN A 162 53.31 -10.22 -23.09
C GLN A 162 52.08 -10.47 -22.23
N ARG A 163 51.04 -9.65 -22.38
CA ARG A 163 49.79 -9.80 -21.63
C ARG A 163 49.09 -11.09 -22.03
N LYS A 164 49.01 -11.37 -23.33
CA LYS A 164 48.36 -12.57 -23.84
C LYS A 164 49.19 -13.83 -23.61
N THR A 165 50.52 -13.71 -23.40
CA THR A 165 51.36 -14.88 -23.14
C THR A 165 51.84 -14.94 -21.68
N ALA A 166 51.09 -14.34 -20.75
CA ALA A 166 51.47 -14.33 -19.34
C ALA A 166 51.29 -15.70 -18.64
N PRO A 167 50.15 -16.42 -18.76
CA PRO A 167 50.03 -17.71 -18.05
C PRO A 167 50.90 -18.84 -18.65
N TYR A 168 51.47 -18.64 -19.84
CA TYR A 168 52.30 -19.67 -20.48
C TYR A 168 53.71 -19.65 -19.90
N ARG A 169 54.16 -20.79 -19.37
CA ARG A 169 55.47 -20.91 -18.72
C ARG A 169 56.59 -21.11 -19.72
N ASN A 170 56.36 -21.91 -20.78
CA ASN A 170 57.41 -22.17 -21.79
C ASN A 170 57.58 -21.04 -22.80
N VAL A 171 56.81 -19.96 -22.67
CA VAL A 171 56.88 -18.84 -23.58
C VAL A 171 57.58 -17.65 -22.95
N ASN A 172 58.46 -17.00 -23.74
CA ASN A 172 59.16 -15.84 -23.26
C ASN A 172 59.28 -14.80 -24.37
N ILE A 173 58.50 -13.72 -24.27
CA ILE A 173 58.47 -12.69 -25.30
C ILE A 173 59.00 -11.35 -24.78
N GLN A 174 60.26 -11.00 -25.12
CA GLN A 174 60.84 -9.73 -24.65
C GLN A 174 61.25 -8.82 -25.82
N ASN A 175 61.54 -9.39 -26.99
CA ASN A 175 61.97 -8.66 -28.19
C ASN A 175 61.35 -9.30 -29.43
N PHE A 176 61.21 -8.55 -30.54
CA PHE A 176 60.59 -9.12 -31.73
C PHE A 176 61.62 -9.82 -32.64
N HIS A 177 62.37 -10.80 -32.10
CA HIS A 177 63.34 -11.55 -32.89
C HIS A 177 63.77 -12.89 -32.23
N THR A 178 64.54 -12.88 -31.14
CA THR A 178 64.97 -14.13 -30.50
C THR A 178 63.81 -14.78 -29.72
N SER A 179 62.86 -13.98 -29.20
CA SER A 179 61.69 -14.49 -28.48
C SER A 179 60.65 -15.14 -29.44
N TRP A 180 60.63 -14.69 -30.68
CA TRP A 180 59.75 -15.18 -31.73
C TRP A 180 60.34 -16.37 -32.48
N LYS A 181 61.69 -16.47 -32.51
CA LYS A 181 62.51 -17.48 -33.15
C LYS A 181 62.10 -18.91 -32.78
N ASP A 182 61.77 -19.18 -31.50
CA ASP A 182 61.33 -20.53 -31.12
C ASP A 182 59.95 -20.81 -31.74
N GLY A 183 59.08 -19.81 -31.75
CA GLY A 183 57.75 -19.97 -32.35
C GLY A 183 56.77 -20.80 -31.54
N LEU A 184 57.08 -21.00 -30.25
CA LEU A 184 56.17 -21.74 -29.37
C LEU A 184 55.11 -20.80 -28.75
N GLY A 185 55.44 -19.51 -28.66
CA GLY A 185 54.55 -18.48 -28.14
C GLY A 185 53.48 -18.06 -29.14
N LEU A 186 53.68 -18.35 -30.43
CA LEU A 186 52.67 -18.02 -31.45
C LEU A 186 51.52 -19.01 -31.37
N CYS A 187 51.81 -20.28 -31.06
CA CYS A 187 50.79 -21.31 -30.86
C CYS A 187 50.02 -21.02 -29.55
N ALA A 188 50.69 -20.45 -28.54
CA ALA A 188 50.06 -20.07 -27.28
C ALA A 188 49.09 -18.91 -27.51
N LEU A 189 49.41 -17.98 -28.44
CA LEU A 189 48.53 -16.86 -28.78
C LEU A 189 47.19 -17.34 -29.35
N ILE A 190 47.21 -18.45 -30.09
CA ILE A 190 45.99 -19.00 -30.69
C ILE A 190 45.18 -19.79 -29.61
N HIS A 191 45.81 -20.26 -28.50
CA HIS A 191 45.14 -20.89 -27.34
C HIS A 191 44.53 -19.78 -26.45
N ARG A 192 45.15 -18.60 -26.41
CA ARG A 192 44.71 -17.49 -25.58
C ARG A 192 43.31 -17.00 -26.02
N HIS A 193 43.01 -17.05 -27.32
CA HIS A 193 41.70 -16.65 -27.83
C HIS A 193 40.85 -17.86 -28.26
N ARG A 194 41.51 -18.96 -28.65
CA ARG A 194 40.82 -20.19 -29.05
C ARG A 194 41.49 -21.38 -28.33
N PRO A 195 41.24 -21.59 -27.01
CA PRO A 195 41.91 -22.72 -26.33
C PRO A 195 41.43 -24.09 -26.79
N ASP A 196 40.19 -24.16 -27.26
CA ASP A 196 39.54 -25.36 -27.79
C ASP A 196 40.17 -25.80 -29.11
N LEU A 197 40.69 -24.86 -29.92
CA LEU A 197 41.26 -25.17 -31.21
C LEU A 197 42.65 -25.80 -31.14
N ILE A 198 43.49 -25.44 -30.13
CA ILE A 198 44.84 -25.98 -30.09
C ILE A 198 45.15 -26.78 -28.80
N ASP A 199 45.90 -27.89 -28.99
CA ASP A 199 46.42 -28.76 -27.94
C ASP A 199 47.74 -28.13 -27.50
N TYR A 200 47.71 -27.24 -26.50
CA TYR A 200 48.91 -26.55 -26.05
C TYR A 200 49.86 -27.52 -25.34
N SER A 201 49.31 -28.47 -24.57
CA SER A 201 50.04 -29.46 -23.79
C SER A 201 51.07 -30.25 -24.60
N LYS A 202 50.76 -30.62 -25.85
CA LYS A 202 51.67 -31.41 -26.69
C LYS A 202 52.94 -30.66 -27.09
N LEU A 203 52.85 -29.35 -27.28
CA LEU A 203 53.95 -28.53 -27.77
C LEU A 203 55.09 -28.33 -26.75
N ASN A 204 56.33 -28.48 -27.23
CA ASN A 204 57.57 -28.33 -26.47
C ASN A 204 58.66 -27.61 -27.33
N LYS A 205 59.77 -27.21 -26.69
CA LYS A 205 60.87 -26.51 -27.37
C LYS A 205 61.78 -27.44 -28.20
N ASP A 206 61.56 -28.76 -28.17
CA ASP A 206 62.39 -29.71 -28.88
C ASP A 206 62.25 -29.58 -30.41
N ASP A 207 61.09 -29.09 -30.90
CA ASP A 207 60.89 -28.93 -32.33
C ASP A 207 60.40 -27.52 -32.64
N PRO A 208 61.31 -26.53 -32.77
CA PRO A 208 60.84 -25.16 -33.07
C PRO A 208 60.26 -25.05 -34.48
N ILE A 209 60.89 -25.70 -35.47
CA ILE A 209 60.50 -25.72 -36.88
C ILE A 209 59.04 -26.16 -37.08
N GLY A 210 58.67 -27.32 -36.54
CA GLY A 210 57.34 -27.91 -36.68
C GLY A 210 56.25 -27.17 -35.95
N ASN A 211 56.60 -26.52 -34.84
CA ASN A 211 55.64 -25.73 -34.08
C ASN A 211 55.32 -24.43 -34.80
N ILE A 212 56.32 -23.83 -35.50
CA ILE A 212 56.11 -22.61 -36.29
C ILE A 212 55.28 -22.94 -37.54
N ASN A 213 55.60 -24.08 -38.20
CA ASN A 213 54.90 -24.57 -39.39
C ASN A 213 53.43 -24.79 -39.06
N LEU A 214 53.14 -25.46 -37.94
CA LEU A 214 51.79 -25.77 -37.50
C LEU A 214 50.99 -24.51 -37.16
N ALA A 215 51.64 -23.51 -36.53
CA ALA A 215 50.99 -22.25 -36.15
C ALA A 215 50.59 -21.40 -37.35
N MET A 216 51.41 -21.38 -38.42
CA MET A 216 51.14 -20.64 -39.65
C MET A 216 50.09 -21.32 -40.51
N GLU A 217 49.98 -22.67 -40.44
CA GLU A 217 48.97 -23.40 -41.23
C GLU A 217 47.59 -23.16 -40.61
N ILE A 218 47.51 -23.14 -39.26
CA ILE A 218 46.27 -22.87 -38.53
C ILE A 218 45.79 -21.44 -38.80
N ALA A 219 46.72 -20.49 -38.88
CA ALA A 219 46.42 -19.09 -39.15
C ALA A 219 45.95 -18.86 -40.58
N GLU A 220 46.49 -19.63 -41.53
CA GLU A 220 46.14 -19.50 -42.95
C GLU A 220 44.80 -20.18 -43.27
N LYS A 221 44.60 -21.39 -42.74
CA LYS A 221 43.39 -22.16 -43.02
C LYS A 221 42.15 -21.71 -42.23
N HIS A 222 42.34 -20.99 -41.10
CA HIS A 222 41.18 -20.61 -40.28
C HIS A 222 41.09 -19.08 -40.05
N LEU A 223 42.16 -18.43 -39.58
CA LEU A 223 42.12 -16.99 -39.28
C LEU A 223 42.37 -16.08 -40.51
N ASP A 224 42.61 -16.69 -41.70
CA ASP A 224 42.86 -16.03 -42.99
C ASP A 224 44.08 -15.09 -42.94
N ILE A 225 45.18 -15.59 -42.41
CA ILE A 225 46.45 -14.88 -42.34
C ILE A 225 47.45 -15.64 -43.20
N PRO A 226 47.70 -15.15 -44.43
CA PRO A 226 48.59 -15.88 -45.36
C PRO A 226 50.02 -16.00 -44.83
N LYS A 227 50.73 -17.11 -45.17
CA LYS A 227 52.09 -17.40 -44.71
C LYS A 227 53.13 -16.44 -45.29
N MET A 228 53.66 -15.57 -44.43
CA MET A 228 54.63 -14.55 -44.81
C MET A 228 56.03 -14.87 -44.32
N LEU A 229 56.14 -15.52 -43.15
CA LEU A 229 57.44 -15.91 -42.61
C LEU A 229 57.70 -17.36 -42.96
N ASP A 230 58.88 -17.70 -43.49
CA ASP A 230 59.20 -19.10 -43.75
C ASP A 230 59.86 -19.66 -42.48
N ALA A 231 59.41 -20.82 -41.98
CA ALA A 231 59.93 -21.40 -40.74
C ALA A 231 61.40 -21.85 -40.85
N GLU A 232 61.76 -22.57 -41.93
CA GLU A 232 63.12 -23.07 -42.13
C GLU A 232 64.17 -21.94 -42.09
N ASP A 233 63.84 -20.76 -42.64
CA ASP A 233 64.75 -19.60 -42.71
C ASP A 233 64.96 -18.89 -41.36
N ILE A 234 63.90 -18.74 -40.55
CA ILE A 234 63.97 -18.01 -39.29
C ILE A 234 64.79 -18.75 -38.23
N VAL A 235 64.48 -20.04 -38.02
CA VAL A 235 65.09 -20.91 -36.99
C VAL A 235 66.59 -21.14 -37.27
N ASN A 236 67.02 -21.07 -38.55
CA ASN A 236 68.42 -21.26 -38.88
C ASN A 236 69.23 -20.00 -38.48
N THR A 237 68.73 -18.82 -38.87
CA THR A 237 69.35 -17.49 -38.63
C THR A 237 69.40 -17.19 -37.12
N PRO A 238 70.49 -16.59 -36.59
CA PRO A 238 70.54 -16.30 -35.14
C PRO A 238 69.62 -15.15 -34.71
N LYS A 239 69.44 -14.15 -35.57
CA LYS A 239 68.53 -13.04 -35.28
C LYS A 239 67.69 -12.70 -36.51
N PRO A 240 66.39 -12.94 -36.42
CA PRO A 240 65.51 -12.58 -37.54
C PRO A 240 65.16 -11.08 -37.55
N ASP A 241 64.74 -10.56 -38.71
CA ASP A 241 64.41 -9.14 -38.81
C ASP A 241 63.16 -8.80 -38.03
N GLU A 242 63.27 -7.80 -37.13
CA GLU A 242 62.17 -7.37 -36.27
C GLU A 242 61.02 -6.77 -37.08
N ARG A 243 61.29 -6.07 -38.20
CA ARG A 243 60.24 -5.49 -39.03
C ARG A 243 59.37 -6.56 -39.64
N ALA A 244 59.96 -7.70 -40.03
CA ALA A 244 59.20 -8.78 -40.66
C ALA A 244 58.35 -9.55 -39.64
N ILE A 245 58.91 -9.84 -38.47
CA ILE A 245 58.19 -10.55 -37.43
C ILE A 245 57.03 -9.69 -36.92
N MET A 246 57.26 -8.39 -36.58
CA MET A 246 56.24 -7.45 -36.09
C MET A 246 55.02 -7.36 -37.04
N THR A 247 55.24 -7.47 -38.37
CA THR A 247 54.23 -7.44 -39.42
C THR A 247 53.29 -8.64 -39.32
N TYR A 248 53.87 -9.83 -39.09
CA TYR A 248 53.10 -11.06 -38.96
C TYR A 248 52.25 -11.05 -37.70
N VAL A 249 52.80 -10.54 -36.59
CA VAL A 249 52.11 -10.44 -35.31
C VAL A 249 50.98 -9.41 -35.37
N SER A 250 51.19 -8.30 -36.10
CA SER A 250 50.17 -7.25 -36.24
C SER A 250 48.92 -7.77 -36.94
N CYS A 251 49.09 -8.70 -37.90
CA CYS A 251 47.97 -9.32 -38.60
C CYS A 251 47.21 -10.30 -37.68
N PHE A 252 47.92 -10.94 -36.73
CA PHE A 252 47.30 -11.83 -35.75
C PHE A 252 46.47 -11.00 -34.76
N TYR A 253 47.02 -9.87 -34.28
CA TYR A 253 46.34 -8.97 -33.35
C TYR A 253 45.06 -8.46 -33.99
N HIS A 254 45.15 -8.02 -35.26
CA HIS A 254 44.05 -7.47 -36.02
C HIS A 254 42.93 -8.49 -36.21
N ALA A 255 43.28 -9.76 -36.37
CA ALA A 255 42.30 -10.82 -36.55
C ALA A 255 41.53 -11.10 -35.26
N PHE A 256 42.23 -11.06 -34.11
CA PHE A 256 41.59 -11.30 -32.81
C PHE A 256 40.97 -10.03 -32.21
N ALA A 257 40.98 -8.90 -32.92
CA ALA A 257 40.38 -7.66 -32.46
C ALA A 257 38.86 -7.70 -32.57
N GLY A 258 38.36 -8.33 -33.63
CA GLY A 258 36.93 -8.50 -33.85
C GLY A 258 36.34 -9.61 -33.02
N ALA A 259 37.14 -10.65 -32.71
CA ALA A 259 36.69 -11.77 -31.89
C ALA A 259 36.48 -11.36 -30.44
N GLU A 260 37.33 -10.46 -29.93
CA GLU A 260 37.21 -9.91 -28.58
C GLU A 260 36.22 -8.71 -28.56
N GLN A 261 36.00 -8.05 -29.70
CA GLN A 261 35.02 -6.96 -29.83
C GLN A 261 33.58 -7.49 -29.71
N ALA A 262 33.37 -8.80 -29.96
CA ALA A 262 32.07 -9.45 -29.81
C ALA A 262 31.59 -9.39 -28.35
N GLU A 263 32.53 -9.37 -27.38
CA GLU A 263 32.24 -9.28 -25.96
C GLU A 263 31.61 -7.94 -25.64
N THR A 264 32.20 -6.82 -26.15
CA THR A 264 31.64 -5.48 -25.95
C THR A 264 30.21 -5.39 -26.47
N ALA A 265 29.94 -6.05 -27.58
CA ALA A 265 28.63 -6.05 -28.20
C ALA A 265 27.64 -6.91 -27.42
N ALA A 266 28.10 -8.01 -26.82
CA ALA A 266 27.23 -8.89 -26.06
C ALA A 266 26.89 -8.32 -24.69
N ASN A 267 27.89 -7.77 -23.98
CA ASN A 267 27.63 -7.25 -22.65
C ASN A 267 26.72 -6.02 -22.66
N ARG A 268 26.70 -5.25 -23.76
CA ARG A 268 25.87 -4.06 -23.85
C ARG A 268 24.45 -4.38 -24.26
N ILE A 269 24.27 -5.38 -25.11
CA ILE A 269 22.94 -5.81 -25.52
C ILE A 269 22.32 -6.52 -24.31
N CYS A 270 23.09 -7.34 -23.57
CA CYS A 270 22.56 -7.99 -22.35
C CYS A 270 22.18 -6.95 -21.30
N LYS A 271 22.95 -5.88 -21.20
CA LYS A 271 22.66 -4.76 -20.31
C LYS A 271 21.31 -4.12 -20.65
N VAL A 272 21.15 -3.56 -21.87
CA VAL A 272 19.93 -2.85 -22.22
C VAL A 272 18.72 -3.76 -22.35
N LEU A 273 18.91 -5.05 -22.65
CA LEU A 273 17.77 -5.95 -22.77
C LEU A 273 17.30 -6.34 -21.43
N ALA A 274 18.21 -6.69 -20.50
CA ALA A 274 17.79 -7.03 -19.14
C ALA A 274 17.15 -5.82 -18.45
N VAL A 275 17.63 -4.60 -18.74
CA VAL A 275 17.07 -3.40 -18.14
C VAL A 275 15.69 -3.12 -18.74
N ASN A 276 15.57 -3.12 -20.07
CA ASN A 276 14.27 -2.86 -20.69
C ASN A 276 13.23 -3.97 -20.44
N GLN A 277 13.66 -5.22 -20.25
CA GLN A 277 12.75 -6.32 -19.96
C GLN A 277 12.24 -6.28 -18.53
N GLU A 278 13.10 -5.85 -17.59
CA GLU A 278 12.70 -5.76 -16.19
C GLU A 278 11.81 -4.55 -15.99
N ASN A 279 12.16 -3.42 -16.60
CA ASN A 279 11.35 -2.21 -16.49
C ASN A 279 10.00 -2.39 -17.15
N GLU A 280 9.92 -3.15 -18.24
CA GLU A 280 8.65 -3.39 -18.92
C GLU A 280 7.79 -4.37 -18.11
N ARG A 281 8.39 -5.35 -17.41
CA ARG A 281 7.69 -6.32 -16.57
C ARG A 281 7.11 -5.63 -15.34
N LEU A 282 7.89 -4.73 -14.75
CA LEU A 282 7.47 -3.96 -13.61
C LEU A 282 6.39 -2.91 -14.02
N MET A 283 6.44 -2.42 -15.26
CA MET A 283 5.43 -1.49 -15.76
C MET A 283 4.09 -2.20 -15.93
N GLU A 284 4.11 -3.46 -16.36
CA GLU A 284 2.92 -4.29 -16.55
C GLU A 284 2.33 -4.71 -15.22
N GLU A 285 3.18 -4.88 -14.18
CA GLU A 285 2.65 -5.22 -12.85
C GLU A 285 1.99 -3.98 -12.23
N TYR A 286 2.42 -2.75 -12.57
CA TYR A 286 1.78 -1.55 -12.02
C TYR A 286 0.38 -1.44 -12.58
N GLU A 287 0.20 -1.63 -13.89
CA GLU A 287 -1.12 -1.56 -14.52
C GLU A 287 -2.05 -2.65 -13.97
N ARG A 288 -1.50 -3.83 -13.72
CA ARG A 288 -2.20 -4.98 -13.17
C ARG A 288 -2.65 -4.70 -11.73
N LEU A 289 -1.74 -4.25 -10.86
CA LEU A 289 -2.05 -3.99 -9.47
C LEU A 289 -2.91 -2.74 -9.31
N ALA A 290 -2.76 -1.75 -10.18
CA ALA A 290 -3.54 -0.52 -10.10
C ALA A 290 -4.98 -0.80 -10.43
N SER A 291 -5.25 -1.62 -11.46
CA SER A 291 -6.64 -1.92 -11.83
C SER A 291 -7.29 -2.88 -10.85
N GLU A 292 -6.50 -3.80 -10.25
CA GLU A 292 -7.05 -4.73 -9.26
C GLU A 292 -7.48 -3.96 -8.01
N LEU A 293 -6.68 -2.98 -7.58
CA LEU A 293 -7.01 -2.15 -6.42
C LEU A 293 -8.13 -1.17 -6.76
N LEU A 294 -8.09 -0.59 -7.95
CA LEU A 294 -9.08 0.34 -8.46
C LEU A 294 -10.47 -0.30 -8.52
N GLU A 295 -10.53 -1.59 -8.86
CA GLU A 295 -11.79 -2.32 -8.96
C GLU A 295 -12.37 -2.65 -7.58
N TRP A 296 -11.53 -3.05 -6.60
CA TRP A 296 -12.02 -3.36 -5.25
C TRP A 296 -12.57 -2.12 -4.59
N ILE A 297 -11.94 -0.96 -4.81
CA ILE A 297 -12.42 0.30 -4.27
C ILE A 297 -13.76 0.67 -4.93
N ARG A 298 -13.93 0.36 -6.23
CA ARG A 298 -15.17 0.64 -6.94
C ARG A 298 -16.39 -0.10 -6.37
N ARG A 299 -16.21 -1.35 -5.90
CA ARG A 299 -17.36 -2.11 -5.39
C ARG A 299 -17.57 -1.87 -3.88
N THR A 300 -16.53 -1.50 -3.10
CA THR A 300 -16.75 -1.26 -1.68
C THR A 300 -17.08 0.19 -1.34
N ILE A 301 -17.13 1.10 -2.32
CA ILE A 301 -17.50 2.49 -2.04
C ILE A 301 -19.03 2.62 -1.91
N PRO A 302 -19.88 2.06 -2.81
CA PRO A 302 -21.33 2.22 -2.65
C PRO A 302 -21.88 1.62 -1.34
N TRP A 303 -21.37 0.44 -0.96
CA TRP A 303 -21.77 -0.24 0.27
C TRP A 303 -21.47 0.63 1.48
N LEU A 304 -20.31 1.27 1.48
CA LEU A 304 -19.88 2.12 2.58
C LEU A 304 -20.65 3.44 2.64
N GLU A 305 -21.25 3.91 1.53
CA GLU A 305 -22.00 5.17 1.58
C GLU A 305 -23.53 4.98 1.50
N ASN A 306 -24.01 3.80 1.91
CA ASN A 306 -25.44 3.54 1.97
C ASN A 306 -25.90 3.79 3.40
N ARG A 307 -26.41 5.00 3.68
CA ARG A 307 -26.83 5.33 5.03
C ARG A 307 -28.37 5.29 5.15
N THR A 308 -28.96 4.17 4.70
CA THR A 308 -30.38 3.90 4.81
C THR A 308 -30.57 2.80 5.85
N PRO A 309 -31.18 3.14 7.01
CA PRO A 309 -31.30 2.15 8.09
C PRO A 309 -32.35 1.08 7.83
N GLU A 310 -32.23 -0.05 8.54
CA GLU A 310 -33.16 -1.16 8.42
C GLU A 310 -34.29 -1.06 9.46
N LYS A 311 -35.29 -1.94 9.35
CA LYS A 311 -36.45 -1.93 10.24
C LYS A 311 -36.18 -2.54 11.62
N THR A 312 -35.27 -3.52 11.70
CA THR A 312 -35.02 -4.21 12.96
C THR A 312 -33.57 -4.06 13.42
N MET A 313 -33.37 -4.10 14.73
CA MET A 313 -32.05 -4.00 15.34
C MET A 313 -31.21 -5.24 14.99
N GLN A 314 -31.83 -6.41 14.77
CA GLN A 314 -31.13 -7.62 14.38
C GLN A 314 -30.41 -7.43 13.04
N ALA A 315 -31.08 -6.74 12.09
CA ALA A 315 -30.55 -6.46 10.76
C ALA A 315 -29.41 -5.47 10.80
N MET A 316 -29.49 -4.43 11.64
CA MET A 316 -28.44 -3.44 11.74
C MET A 316 -27.24 -3.97 12.52
N GLN A 317 -27.48 -4.76 13.57
CA GLN A 317 -26.41 -5.42 14.31
C GLN A 317 -25.61 -6.36 13.38
N LYS A 318 -26.28 -6.97 12.39
CA LYS A 318 -25.69 -7.81 11.36
C LYS A 318 -24.81 -6.94 10.48
N LYS A 319 -25.28 -5.74 10.10
CA LYS A 319 -24.51 -4.78 9.31
C LYS A 319 -23.23 -4.39 10.03
N LEU A 320 -23.29 -4.27 11.36
CA LEU A 320 -22.11 -3.93 12.14
C LEU A 320 -21.09 -5.04 12.13
N GLU A 321 -21.53 -6.32 12.10
CA GLU A 321 -20.59 -7.44 12.09
C GLU A 321 -19.92 -7.61 10.74
N ASP A 322 -20.62 -7.32 9.64
CA ASP A 322 -19.97 -7.41 8.32
C ASP A 322 -19.04 -6.19 8.11
N PHE A 323 -19.34 -5.02 8.73
CA PHE A 323 -18.41 -3.89 8.69
C PHE A 323 -17.21 -4.22 9.58
N ARG A 324 -17.42 -4.91 10.72
CA ARG A 324 -16.34 -5.36 11.60
C ARG A 324 -15.43 -6.32 10.84
N ASP A 325 -16.02 -7.24 10.04
CA ASP A 325 -15.20 -8.14 9.24
C ASP A 325 -14.44 -7.39 8.18
N TYR A 326 -15.03 -6.34 7.59
CA TYR A 326 -14.35 -5.53 6.59
C TYR A 326 -13.11 -4.86 7.19
N ARG A 327 -13.24 -4.23 8.34
CA ARG A 327 -12.12 -3.53 8.96
C ARG A 327 -11.07 -4.48 9.56
N ARG A 328 -11.44 -5.73 9.86
CA ARG A 328 -10.49 -6.67 10.44
C ARG A 328 -9.84 -7.59 9.40
N LYS A 329 -10.59 -8.04 8.38
CA LYS A 329 -10.07 -8.99 7.40
C LYS A 329 -10.17 -8.54 5.95
N HIS A 330 -10.63 -7.31 5.63
CA HIS A 330 -10.74 -6.92 4.21
C HIS A 330 -9.99 -5.63 3.87
N LYS A 331 -10.03 -4.61 4.72
CA LYS A 331 -9.30 -3.37 4.48
C LYS A 331 -7.80 -3.55 4.78
N PRO A 332 -7.37 -4.17 5.89
CA PRO A 332 -5.92 -4.34 6.13
C PRO A 332 -5.10 -4.87 4.93
N PRO A 333 -5.48 -5.92 4.15
CA PRO A 333 -4.66 -6.31 3.01
C PRO A 333 -4.71 -5.29 1.89
N LYS A 334 -5.87 -4.66 1.67
CA LYS A 334 -5.99 -3.62 0.64
C LYS A 334 -5.21 -2.35 0.99
N VAL A 335 -4.87 -2.16 2.28
CA VAL A 335 -4.03 -1.08 2.78
C VAL A 335 -2.57 -1.37 2.35
N GLN A 336 -2.15 -2.65 2.48
CA GLN A 336 -0.84 -3.15 2.08
C GLN A 336 -0.68 -3.10 0.57
N GLU A 337 -1.73 -3.42 -0.17
CA GLU A 337 -1.69 -3.37 -1.62
C GLU A 337 -1.77 -1.93 -2.15
N LYS A 338 -2.22 -0.97 -1.33
CA LYS A 338 -2.23 0.43 -1.72
C LYS A 338 -0.82 0.99 -1.55
N CYS A 339 -0.19 0.76 -0.36
CA CYS A 339 1.18 1.25 -0.16
C CYS A 339 2.24 0.30 -0.79
N GLN A 340 1.82 -0.83 -1.38
CA GLN A 340 2.72 -1.71 -2.16
C GLN A 340 2.80 -1.15 -3.58
N LEU A 341 1.67 -0.65 -4.10
CA LEU A 341 1.53 0.05 -5.37
C LEU A 341 2.36 1.34 -5.34
N GLU A 342 2.43 2.00 -4.17
CA GLU A 342 3.24 3.20 -4.00
C GLU A 342 4.73 2.86 -4.10
N ILE A 343 5.22 1.86 -3.32
CA ILE A 343 6.65 1.47 -3.35
C ILE A 343 7.05 0.93 -4.73
N ASN A 344 6.13 0.24 -5.42
CA ASN A 344 6.42 -0.31 -6.73
C ASN A 344 6.51 0.81 -7.75
N PHE A 345 5.62 1.82 -7.68
CA PHE A 345 5.71 2.95 -8.60
C PHE A 345 6.95 3.77 -8.30
N ASN A 346 7.29 3.94 -7.01
CA ASN A 346 8.45 4.70 -6.57
C ASN A 346 9.72 4.11 -7.15
N THR A 347 9.98 2.80 -6.94
CA THR A 347 11.18 2.15 -7.46
C THR A 347 11.21 2.14 -9.00
N LEU A 348 10.04 2.17 -9.66
CA LEU A 348 9.96 2.18 -11.10
C LEU A 348 10.45 3.48 -11.67
N GLN A 349 10.09 4.60 -11.04
CA GLN A 349 10.51 5.91 -11.50
C GLN A 349 12.00 6.17 -11.21
N THR A 350 12.54 5.54 -10.16
CA THR A 350 13.93 5.66 -9.81
C THR A 350 14.76 4.86 -10.79
N LYS A 351 14.38 3.59 -11.07
CA LYS A 351 15.12 2.78 -12.04
C LYS A 351 15.19 3.44 -13.43
N LEU A 352 14.11 4.13 -13.85
CA LEU A 352 14.08 4.83 -15.14
C LEU A 352 14.92 6.10 -15.09
N ARG A 353 14.89 6.83 -13.96
CA ARG A 353 15.66 8.07 -13.81
C ARG A 353 17.17 7.79 -13.77
N ILE A 354 17.59 6.77 -13.01
CA ILE A 354 19.01 6.42 -12.89
C ILE A 354 19.56 5.75 -14.17
N SER A 355 18.70 5.28 -15.08
CA SER A 355 19.17 4.66 -16.33
C SER A 355 18.97 5.55 -17.57
N ASN A 356 18.61 6.86 -17.36
CA ASN A 356 18.37 7.87 -18.40
C ASN A 356 17.13 7.58 -19.26
N ARG A 357 16.32 6.58 -18.89
CA ARG A 357 15.09 6.24 -19.61
C ARG A 357 14.01 7.29 -19.28
N PRO A 358 13.04 7.56 -20.20
CA PRO A 358 12.00 8.55 -19.87
C PRO A 358 11.07 8.07 -18.76
N ALA A 359 10.36 9.01 -18.12
CA ALA A 359 9.45 8.69 -17.02
C ALA A 359 8.28 7.81 -17.47
N PHE A 360 7.79 6.95 -16.56
CA PHE A 360 6.69 6.05 -16.87
C PHE A 360 5.36 6.80 -16.82
N MET A 361 4.58 6.66 -17.89
CA MET A 361 3.27 7.30 -17.98
C MET A 361 2.18 6.26 -17.89
N PRO A 362 1.45 6.21 -16.78
CA PRO A 362 0.38 5.21 -16.65
C PRO A 362 -0.87 5.55 -17.48
N SER A 363 -1.86 4.63 -17.52
CA SER A 363 -3.13 4.83 -18.25
C SER A 363 -3.94 6.03 -17.68
N GLU A 364 -4.99 6.47 -18.39
CA GLU A 364 -5.79 7.63 -17.94
C GLU A 364 -6.44 7.40 -16.57
N GLY A 365 -6.97 6.21 -16.34
CA GLY A 365 -7.62 5.90 -15.08
C GLY A 365 -6.69 5.35 -14.02
N LYS A 366 -5.54 4.82 -14.42
CA LYS A 366 -4.58 4.25 -13.49
C LYS A 366 -3.45 5.21 -13.14
N MET A 367 -3.73 6.52 -13.14
CA MET A 367 -2.76 7.57 -12.83
C MET A 367 -2.45 7.66 -11.31
N VAL A 368 -1.43 8.45 -10.92
CA VAL A 368 -1.06 8.65 -9.51
C VAL A 368 -2.18 9.39 -8.78
N SER A 369 -2.64 10.52 -9.37
CA SER A 369 -3.70 11.34 -8.79
C SER A 369 -5.05 10.61 -8.80
N ASP A 370 -5.27 9.73 -9.79
CA ASP A 370 -6.51 8.97 -9.90
C ASP A 370 -6.58 7.85 -8.85
N ILE A 371 -5.43 7.25 -8.52
CA ILE A 371 -5.38 6.18 -7.54
C ILE A 371 -5.57 6.77 -6.15
N ALA A 372 -4.81 7.81 -5.80
CA ALA A 372 -4.96 8.47 -4.51
C ALA A 372 -6.34 9.12 -4.36
N GLY A 373 -6.91 9.59 -5.46
CA GLY A 373 -8.23 10.21 -5.49
C GLY A 373 -9.33 9.21 -5.18
N ALA A 374 -9.21 7.99 -5.70
CA ALA A 374 -10.22 6.95 -5.44
C ALA A 374 -10.10 6.41 -4.00
N TRP A 375 -8.88 6.31 -3.49
CA TRP A 375 -8.64 5.87 -2.12
C TRP A 375 -9.11 6.93 -1.12
N GLN A 376 -9.11 8.22 -1.52
CA GLN A 376 -9.59 9.32 -0.70
C GLN A 376 -11.11 9.27 -0.59
N ARG A 377 -11.80 8.93 -1.69
CA ARG A 377 -13.25 8.81 -1.73
C ARG A 377 -13.73 7.68 -0.80
N LEU A 378 -12.97 6.58 -0.76
CA LEU A 378 -13.26 5.40 0.06
C LEU A 378 -13.18 5.68 1.56
N GLU A 379 -12.14 6.39 2.00
CA GLU A 379 -11.92 6.62 3.43
C GLU A 379 -12.94 7.54 4.09
N GLN A 380 -13.53 8.50 3.36
CA GLN A 380 -14.51 9.41 3.99
C GLN A 380 -15.76 8.62 4.41
N ALA A 381 -16.22 7.75 3.51
CA ALA A 381 -17.41 6.95 3.74
C ALA A 381 -17.29 6.00 4.92
N GLU A 382 -16.09 5.47 5.20
CA GLU A 382 -15.94 4.48 6.27
C GLU A 382 -15.94 5.04 7.70
N LYS A 383 -15.63 6.33 7.91
CA LYS A 383 -15.59 6.87 9.28
C LYS A 383 -17.01 7.10 9.83
N GLY A 384 -17.88 7.64 8.98
CA GLY A 384 -19.26 7.86 9.36
C GLY A 384 -19.99 6.55 9.60
N TYR A 385 -19.80 5.59 8.68
CA TYR A 385 -20.45 4.29 8.69
C TYR A 385 -20.41 3.59 10.05
N GLU A 386 -19.27 3.61 10.79
CA GLU A 386 -19.23 2.96 12.09
C GLU A 386 -20.31 3.49 13.05
N GLU A 387 -20.07 4.72 13.53
CA GLU A 387 -20.80 5.58 14.44
C GLU A 387 -22.28 5.58 14.14
N TRP A 388 -22.60 5.75 12.84
CA TRP A 388 -23.97 5.83 12.31
C TRP A 388 -24.70 4.57 12.63
N LEU A 389 -24.06 3.42 12.31
CA LEU A 389 -24.56 2.08 12.50
C LEU A 389 -24.89 1.85 13.97
N LEU A 390 -23.97 2.18 14.89
CA LEU A 390 -24.28 2.14 16.32
C LEU A 390 -25.48 3.02 16.68
N ASN A 391 -25.46 4.35 16.28
CA ASN A 391 -26.54 5.27 16.55
C ASN A 391 -27.88 4.85 16.00
N GLU A 392 -27.91 3.99 14.98
CA GLU A 392 -29.14 3.41 14.43
C GLU A 392 -29.52 2.23 15.29
N ILE A 393 -28.54 1.36 15.66
CA ILE A 393 -28.71 0.16 16.51
C ILE A 393 -29.31 0.51 17.86
N ARG A 394 -28.84 1.63 18.45
CA ARG A 394 -29.31 2.07 19.75
C ARG A 394 -30.72 2.58 19.62
N ARG A 395 -31.00 3.46 18.64
CA ARG A 395 -32.35 3.99 18.44
C ARG A 395 -33.33 2.86 18.15
N LEU A 396 -32.88 1.80 17.48
CA LEU A 396 -33.74 0.65 17.24
C LEU A 396 -33.94 -0.10 18.54
N GLU A 397 -32.89 -0.31 19.35
CA GLU A 397 -32.96 -0.99 20.65
C GLU A 397 -34.08 -0.45 21.54
N ARG A 398 -34.22 0.88 21.56
CA ARG A 398 -35.22 1.56 22.33
C ARG A 398 -36.61 1.31 21.74
N LEU A 399 -36.74 1.41 20.41
CA LEU A 399 -38.01 1.23 19.73
C LEU A 399 -38.54 -0.18 19.90
N GLU A 400 -37.66 -1.18 19.83
CA GLU A 400 -37.98 -2.59 20.00
C GLU A 400 -38.53 -2.86 21.40
N HIS A 401 -37.98 -2.16 22.41
CA HIS A 401 -38.37 -2.30 23.81
C HIS A 401 -39.69 -1.55 24.09
N LEU A 402 -39.76 -0.29 23.69
CA LEU A 402 -40.94 0.53 23.91
C LEU A 402 -42.14 0.05 23.12
N ALA A 403 -41.94 -0.61 21.98
CA ALA A 403 -43.05 -1.16 21.22
C ALA A 403 -43.63 -2.39 21.92
N GLU A 404 -42.76 -3.22 22.51
CA GLU A 404 -43.21 -4.38 23.25
C GLU A 404 -43.85 -3.97 24.55
N LYS A 405 -43.29 -2.97 25.22
CA LYS A 405 -43.84 -2.47 26.48
C LYS A 405 -45.24 -1.93 26.26
N PHE A 406 -45.42 -1.16 25.18
CA PHE A 406 -46.71 -0.58 24.81
C PHE A 406 -47.71 -1.68 24.54
N ARG A 407 -47.32 -2.72 23.83
CA ARG A 407 -48.19 -3.87 23.52
C ARG A 407 -48.72 -4.49 24.81
N GLN A 408 -47.84 -4.64 25.81
CA GLN A 408 -48.13 -5.22 27.12
C GLN A 408 -49.06 -4.31 27.92
N LYS A 409 -48.79 -2.99 27.95
CA LYS A 409 -49.62 -2.06 28.71
C LYS A 409 -50.97 -1.82 28.04
N ALA A 410 -51.02 -1.88 26.71
CA ALA A 410 -52.26 -1.69 25.99
C ALA A 410 -53.20 -2.85 26.23
N SER A 411 -52.69 -4.09 26.29
CA SER A 411 -53.55 -5.25 26.51
C SER A 411 -54.07 -5.34 27.92
N THR A 412 -53.23 -5.07 28.95
CA THR A 412 -53.72 -5.13 30.33
C THR A 412 -54.75 -4.01 30.58
N HIS A 413 -54.69 -2.89 29.84
CA HIS A 413 -55.68 -1.83 29.99
C HIS A 413 -56.91 -2.15 29.17
N GLU A 414 -56.76 -2.72 27.98
CA GLU A 414 -57.88 -3.07 27.11
C GLU A 414 -58.86 -4.02 27.80
N THR A 415 -58.33 -4.95 28.59
CA THR A 415 -59.16 -5.92 29.31
C THR A 415 -59.86 -5.21 30.46
N TRP A 416 -59.11 -4.43 31.26
CA TRP A 416 -59.64 -3.67 32.37
C TRP A 416 -60.74 -2.71 31.93
N ALA A 417 -60.55 -2.06 30.78
CA ALA A 417 -61.52 -1.11 30.25
C ALA A 417 -62.75 -1.83 29.73
N TYR A 418 -62.59 -3.02 29.15
CA TYR A 418 -63.72 -3.81 28.68
C TYR A 418 -64.55 -4.27 29.86
N GLY A 419 -63.89 -4.67 30.95
CA GLY A 419 -64.54 -5.12 32.17
C GLY A 419 -65.43 -4.06 32.81
N LYS A 420 -64.89 -2.85 32.97
CA LYS A 420 -65.63 -1.74 33.56
C LYS A 420 -66.71 -1.21 32.60
N GLU A 421 -66.56 -1.41 31.29
CA GLU A 421 -67.52 -0.97 30.30
C GLU A 421 -68.83 -1.73 30.43
N GLN A 422 -68.74 -3.06 30.62
CA GLN A 422 -69.92 -3.94 30.72
C GLN A 422 -70.73 -3.73 32.00
N ILE A 423 -70.08 -3.58 33.16
CA ILE A 423 -70.79 -3.38 34.43
C ILE A 423 -71.61 -2.06 34.39
N LEU A 424 -71.18 -1.08 33.58
CA LEU A 424 -71.90 0.17 33.43
C LEU A 424 -73.04 0.06 32.42
N LEU A 425 -72.92 -0.83 31.42
CA LEU A 425 -73.97 -1.06 30.43
C LEU A 425 -75.20 -1.77 31.04
N GLN A 426 -75.04 -2.43 32.21
CA GLN A 426 -76.17 -3.11 32.85
C GLN A 426 -77.01 -2.09 33.59
N LYS A 427 -78.03 -1.53 32.91
CA LYS A 427 -78.93 -0.51 33.49
C LYS A 427 -80.06 -1.17 34.31
N ASP A 428 -79.70 -2.02 35.27
CA ASP A 428 -80.66 -2.70 36.16
C ASP A 428 -81.05 -1.85 37.39
N TYR A 429 -80.62 -0.57 37.44
CA TYR A 429 -80.88 0.31 38.57
C TYR A 429 -82.28 0.92 38.56
N GLU A 430 -82.99 0.90 37.43
CA GLU A 430 -84.32 1.53 37.36
C GLU A 430 -85.34 0.85 38.31
N SER A 431 -85.11 -0.43 38.66
CA SER A 431 -85.98 -1.16 39.58
C SER A 431 -85.41 -1.10 41.00
N ALA A 432 -85.57 0.03 41.71
CA ALA A 432 -85.01 0.17 43.05
C ALA A 432 -85.72 1.18 43.90
N SER A 433 -85.72 0.94 45.23
CA SER A 433 -86.27 1.81 46.27
C SER A 433 -85.18 2.75 46.81
N LEU A 434 -85.53 3.85 47.52
CA LEU A 434 -84.53 4.80 48.05
C LEU A 434 -83.42 4.10 48.86
N THR A 435 -83.75 3.03 49.59
CA THR A 435 -82.75 2.29 50.36
C THR A 435 -81.72 1.62 49.42
N GLU A 436 -82.20 0.94 48.36
CA GLU A 436 -81.34 0.28 47.39
C GLU A 436 -80.55 1.28 46.56
N VAL A 437 -81.16 2.42 46.22
CA VAL A 437 -80.56 3.51 45.43
C VAL A 437 -79.38 4.11 46.18
N ARG A 438 -79.55 4.46 47.47
CA ARG A 438 -78.45 5.03 48.26
C ARG A 438 -77.30 4.04 48.41
N ALA A 439 -77.59 2.74 48.45
CA ALA A 439 -76.57 1.71 48.53
C ALA A 439 -75.85 1.58 47.18
N LEU A 440 -76.60 1.67 46.08
CA LEU A 440 -76.07 1.62 44.72
C LEU A 440 -75.22 2.84 44.38
N LEU A 441 -75.47 3.98 45.05
CA LEU A 441 -74.70 5.20 44.82
C LEU A 441 -73.31 5.08 45.42
N ARG A 442 -73.18 4.43 46.59
CA ARG A 442 -71.86 4.25 47.20
C ARG A 442 -71.06 3.15 46.45
N LYS A 443 -71.76 2.21 45.77
CA LYS A 443 -71.13 1.18 44.96
C LYS A 443 -70.60 1.82 43.68
N HIS A 444 -71.37 2.76 43.08
CA HIS A 444 -70.94 3.51 41.89
C HIS A 444 -69.83 4.52 42.25
N GLU A 445 -69.82 5.02 43.50
CA GLU A 445 -68.77 5.92 43.98
C GLU A 445 -67.40 5.21 43.95
N ALA A 446 -67.38 3.90 44.22
CA ALA A 446 -66.15 3.12 44.15
C ALA A 446 -65.72 2.96 42.71
N PHE A 447 -66.69 2.71 41.80
CA PHE A 447 -66.40 2.60 40.37
C PHE A 447 -65.84 3.90 39.78
N GLU A 448 -65.96 5.03 40.50
CA GLU A 448 -65.45 6.31 40.04
C GLU A 448 -64.01 6.49 40.53
N SER A 449 -63.75 6.23 41.81
CA SER A 449 -62.42 6.37 42.39
C SER A 449 -61.44 5.36 41.81
N ASP A 450 -61.88 4.12 41.59
CA ASP A 450 -61.00 3.11 41.01
C ASP A 450 -60.71 3.42 39.53
N LEU A 451 -61.63 4.11 38.85
CA LEU A 451 -61.46 4.51 37.46
C LEU A 451 -60.37 5.57 37.40
N ALA A 452 -60.41 6.55 38.33
CA ALA A 452 -59.42 7.63 38.44
C ALA A 452 -58.02 7.09 38.75
N ALA A 453 -57.92 5.91 39.37
CA ALA A 453 -56.61 5.28 39.64
C ALA A 453 -55.93 4.88 38.31
N HIS A 454 -56.73 4.44 37.33
CA HIS A 454 -56.24 4.07 36.00
C HIS A 454 -56.15 5.28 35.06
N GLN A 455 -55.92 6.49 35.61
CA GLN A 455 -55.78 7.67 34.78
C GLN A 455 -54.35 7.78 34.29
N ASP A 456 -53.37 7.70 35.21
CA ASP A 456 -51.95 7.74 34.85
C ASP A 456 -51.52 6.48 34.06
N ARG A 457 -52.32 5.39 34.11
CA ARG A 457 -52.04 4.19 33.32
C ARG A 457 -52.33 4.50 31.85
N VAL A 458 -53.44 5.18 31.58
CA VAL A 458 -53.80 5.60 30.22
C VAL A 458 -52.84 6.71 29.75
N GLU A 459 -52.41 7.58 30.66
CA GLU A 459 -51.45 8.63 30.36
C GLU A 459 -50.11 8.01 29.93
N GLN A 460 -49.67 6.92 30.61
CA GLN A 460 -48.42 6.23 30.28
C GLN A 460 -48.50 5.57 28.92
N ILE A 461 -49.66 5.00 28.55
CA ILE A 461 -49.87 4.38 27.24
C ILE A 461 -49.72 5.44 26.16
N ALA A 462 -50.31 6.61 26.37
CA ALA A 462 -50.26 7.73 25.44
C ALA A 462 -48.84 8.30 25.33
N ALA A 463 -48.10 8.33 26.44
CA ALA A 463 -46.75 8.84 26.47
C ALA A 463 -45.76 7.95 25.73
N ILE A 464 -45.82 6.62 25.92
CA ILE A 464 -44.87 5.73 25.26
C ILE A 464 -45.27 5.47 23.80
N ALA A 465 -46.52 5.77 23.38
CA ALA A 465 -46.89 5.69 21.97
C ALA A 465 -46.42 6.96 21.23
N GLN A 466 -46.39 8.09 21.93
CA GLN A 466 -45.92 9.40 21.47
C GLN A 466 -44.43 9.33 21.14
N GLU A 467 -43.65 8.61 21.96
CA GLU A 467 -42.21 8.43 21.76
C GLU A 467 -41.94 7.53 20.56
N LEU A 468 -42.75 6.49 20.35
CA LEU A 468 -42.59 5.63 19.17
C LEU A 468 -42.91 6.40 17.89
N ASN A 469 -43.82 7.37 17.97
CA ASN A 469 -44.14 8.21 16.83
C ASN A 469 -43.00 9.22 16.57
N GLU A 470 -42.48 9.85 17.64
CA GLU A 470 -41.36 10.80 17.54
C GLU A 470 -40.07 10.13 17.06
N LEU A 471 -39.88 8.85 17.40
CA LEU A 471 -38.67 8.11 17.00
C LEU A 471 -38.83 7.35 15.68
N ASP A 472 -39.93 7.59 14.93
CA ASP A 472 -40.21 7.04 13.61
C ASP A 472 -40.20 5.50 13.62
N TYR A 473 -41.05 4.90 14.45
CA TYR A 473 -41.21 3.45 14.51
C TYR A 473 -41.93 3.00 13.22
N HIS A 474 -41.58 1.84 12.64
CA HIS A 474 -42.20 1.43 11.37
C HIS A 474 -43.71 1.16 11.50
N ASP A 475 -44.16 0.73 12.68
CA ASP A 475 -45.59 0.46 12.90
C ASP A 475 -46.26 1.59 13.66
N ALA A 476 -45.67 2.80 13.73
CA ALA A 476 -46.25 3.93 14.46
C ALA A 476 -47.62 4.38 13.91
N VAL A 477 -48.03 3.85 12.76
CA VAL A 477 -49.34 4.12 12.17
C VAL A 477 -50.38 3.22 12.88
N ASN A 478 -50.02 1.97 13.22
CA ASN A 478 -50.92 1.07 13.92
C ASN A 478 -50.81 1.22 15.43
N VAL A 479 -49.69 1.75 15.97
CA VAL A 479 -49.62 2.03 17.42
C VAL A 479 -50.47 3.26 17.72
N ASN A 480 -50.56 4.22 16.78
CA ASN A 480 -51.38 5.40 16.94
C ASN A 480 -52.86 5.04 16.83
N ASP A 481 -53.22 3.98 16.07
CA ASP A 481 -54.61 3.56 16.00
C ASP A 481 -54.98 2.89 17.31
N ARG A 482 -54.18 1.92 17.80
CA ARG A 482 -54.47 1.25 19.06
C ARG A 482 -54.52 2.24 20.23
N CYS A 483 -53.69 3.29 20.20
CA CYS A 483 -53.70 4.28 21.26
C CYS A 483 -54.86 5.27 21.10
N GLN A 484 -55.22 5.64 19.87
CA GLN A 484 -56.33 6.55 19.64
C GLN A 484 -57.64 5.89 20.02
N LYS A 485 -57.82 4.61 19.68
CA LYS A 485 -59.04 3.88 20.02
C LYS A 485 -59.19 3.71 21.55
N ILE A 486 -58.06 3.57 22.26
CA ILE A 486 -58.04 3.41 23.71
C ILE A 486 -58.41 4.75 24.35
N CYS A 487 -57.92 5.87 23.80
CA CYS A 487 -58.19 7.22 24.32
C CYS A 487 -59.62 7.68 24.02
N ASP A 488 -60.12 7.37 22.82
CA ASP A 488 -61.49 7.70 22.40
C ASP A 488 -62.53 6.90 23.21
N GLN A 489 -62.17 5.67 23.64
CA GLN A 489 -63.02 4.82 24.46
C GLN A 489 -62.96 5.26 25.92
N TRP A 490 -61.79 5.69 26.39
CA TRP A 490 -61.62 6.16 27.76
C TRP A 490 -62.47 7.41 28.01
N ASP A 491 -62.62 8.29 27.00
CA ASP A 491 -63.46 9.48 27.12
C ASP A 491 -64.91 9.06 27.32
N ARG A 492 -65.40 8.13 26.46
CA ARG A 492 -66.76 7.63 26.52
C ARG A 492 -67.02 6.90 27.82
N LEU A 493 -66.02 6.19 28.34
CA LEU A 493 -66.11 5.48 29.61
C LEU A 493 -66.32 6.46 30.77
N GLY A 494 -65.59 7.57 30.73
CA GLY A 494 -65.68 8.62 31.73
C GLY A 494 -67.00 9.36 31.70
N THR A 495 -67.47 9.75 30.51
CA THR A 495 -68.75 10.47 30.40
C THR A 495 -69.91 9.53 30.77
N LEU A 496 -69.83 8.26 30.37
CA LEU A 496 -70.85 7.26 30.73
C LEU A 496 -70.87 6.98 32.22
N THR A 497 -69.73 7.15 32.91
CA THR A 497 -69.60 6.98 34.35
C THR A 497 -70.37 8.10 35.01
N GLN A 498 -70.16 9.35 34.58
CA GLN A 498 -70.86 10.50 35.13
C GLN A 498 -72.32 10.56 34.70
N LYS A 499 -72.67 9.94 33.57
CA LYS A 499 -74.05 9.88 33.12
C LYS A 499 -74.85 8.93 34.01
N ARG A 500 -74.21 7.85 34.52
CA ARG A 500 -74.92 6.92 35.40
C ARG A 500 -75.02 7.46 36.82
N ARG A 501 -74.07 8.31 37.27
CA ARG A 501 -74.20 8.93 38.59
C ARG A 501 -75.41 9.86 38.58
N GLU A 502 -75.54 10.67 37.52
CA GLU A 502 -76.67 11.58 37.38
C GLU A 502 -78.02 10.86 37.32
N ALA A 503 -78.03 9.59 36.92
CA ALA A 503 -79.26 8.82 36.90
C ALA A 503 -79.60 8.34 38.31
N LEU A 504 -78.59 7.92 39.08
CA LEU A 504 -78.81 7.50 40.46
C LEU A 504 -79.17 8.69 41.33
N GLU A 505 -78.55 9.84 41.10
CA GLU A 505 -78.86 11.06 41.83
C GLU A 505 -80.26 11.55 41.51
N ARG A 506 -80.74 11.33 40.29
CA ARG A 506 -82.09 11.69 39.90
C ARG A 506 -83.14 10.81 40.63
N MET A 507 -82.75 9.58 41.05
CA MET A 507 -83.60 8.66 41.78
C MET A 507 -83.59 8.94 43.28
N SER A 508 -82.43 9.32 43.84
CA SER A 508 -82.33 9.61 45.26
C SER A 508 -83.10 10.90 45.62
N GLU A 509 -82.95 11.95 44.81
CA GLU A 509 -83.65 13.22 45.06
C GLU A 509 -85.09 13.22 44.50
N ARG A 510 -85.64 12.04 44.15
CA ARG A 510 -87.00 11.83 43.64
C ARG A 510 -87.87 11.37 44.81
N VAL A 511 -87.42 10.34 45.53
CA VAL A 511 -88.13 9.78 46.69
C VAL A 511 -88.05 10.78 47.88
N ARG A 512 -86.95 11.59 47.95
CA ARG A 512 -86.72 12.60 48.99
C ARG A 512 -87.93 13.53 49.17
N ASN A 513 -88.55 13.96 48.04
CA ASN A 513 -89.71 14.84 48.08
C ASN A 513 -90.99 14.05 47.88
N GLY B 1 -86.00 -1.98 68.49
CA GLY B 1 -86.17 -3.39 68.17
C GLY B 1 -84.94 -4.02 67.53
N SER B 2 -85.11 -4.63 66.36
CA SER B 2 -83.97 -5.24 65.65
C SER B 2 -83.16 -4.21 64.83
N SER B 3 -83.65 -2.95 64.71
CA SER B 3 -82.99 -1.85 64.00
C SER B 3 -81.66 -1.44 64.65
N LYS B 4 -81.48 -1.74 65.95
CA LYS B 4 -80.25 -1.42 66.68
C LYS B 4 -79.22 -2.53 66.48
N LEU B 5 -79.67 -3.79 66.53
CA LEU B 5 -78.86 -5.00 66.35
C LEU B 5 -78.37 -5.13 64.90
N LEU B 6 -79.22 -4.73 63.95
CA LEU B 6 -78.94 -4.77 62.51
C LEU B 6 -78.13 -3.56 62.02
N GLU B 7 -78.15 -2.44 62.77
CA GLU B 7 -77.40 -1.23 62.39
C GLU B 7 -75.89 -1.45 62.44
N THR B 8 -75.43 -2.30 63.38
CA THR B 8 -74.02 -2.63 63.54
C THR B 8 -73.47 -3.34 62.29
N ILE B 9 -74.31 -4.14 61.60
CA ILE B 9 -73.97 -4.85 60.37
C ILE B 9 -73.72 -3.84 59.24
N ASP B 10 -74.58 -2.81 59.16
CA ASP B 10 -74.46 -1.76 58.16
C ASP B 10 -73.20 -0.92 58.41
N GLN B 11 -72.89 -0.61 59.68
CA GLN B 11 -71.70 0.17 60.03
C GLN B 11 -70.39 -0.63 59.83
N LEU B 12 -70.49 -1.97 59.78
CA LEU B 12 -69.37 -2.87 59.53
C LEU B 12 -69.16 -3.01 58.01
N HIS B 13 -70.27 -3.16 57.25
CA HIS B 13 -70.23 -3.27 55.81
C HIS B 13 -69.65 -2.02 55.18
N LEU B 14 -69.96 -0.83 55.74
CA LEU B 14 -69.41 0.41 55.19
C LEU B 14 -67.94 0.59 55.61
N GLU B 15 -67.52 0.07 56.78
CA GLU B 15 -66.10 0.15 57.15
C GLU B 15 -65.29 -0.80 56.27
N PHE B 16 -65.88 -1.94 55.85
CA PHE B 16 -65.21 -2.85 54.94
C PHE B 16 -65.03 -2.17 53.60
N ALA B 17 -66.11 -1.67 52.99
CA ALA B 17 -66.06 -0.99 51.69
C ALA B 17 -65.08 0.16 51.67
N LYS B 18 -64.98 0.93 52.75
CA LYS B 18 -64.07 2.07 52.80
C LYS B 18 -62.59 1.68 53.04
N ARG B 19 -62.32 0.43 53.41
CA ARG B 19 -60.95 -0.01 53.65
C ARG B 19 -60.43 -0.92 52.54
N ALA B 20 -61.32 -1.79 52.02
CA ALA B 20 -61.01 -2.77 51.00
C ALA B 20 -60.88 -2.15 49.63
N ALA B 21 -61.72 -1.17 49.26
CA ALA B 21 -61.65 -0.55 47.93
C ALA B 21 -60.29 0.14 47.68
N PRO B 22 -59.73 0.99 48.58
CA PRO B 22 -58.43 1.60 48.30
C PRO B 22 -57.30 0.58 48.31
N PHE B 23 -57.38 -0.43 49.20
CA PHE B 23 -56.36 -1.49 49.27
C PHE B 23 -56.39 -2.35 48.01
N ASN B 24 -57.57 -2.54 47.41
CA ASN B 24 -57.68 -3.34 46.20
C ASN B 24 -56.95 -2.67 45.06
N ASN B 25 -57.15 -1.36 44.80
CA ASN B 25 -56.44 -0.73 43.70
C ASN B 25 -54.93 -0.57 44.01
N TRP B 26 -54.51 -0.64 45.29
CA TRP B 26 -53.07 -0.65 45.60
C TRP B 26 -52.47 -1.95 45.10
N MET B 27 -53.16 -3.08 45.36
CA MET B 27 -52.71 -4.39 44.89
C MET B 27 -52.82 -4.51 43.38
N GLU B 28 -53.85 -3.91 42.77
CA GLU B 28 -54.01 -3.91 41.33
C GLU B 28 -52.86 -3.12 40.67
N GLY B 29 -52.47 -2.01 41.29
CA GLY B 29 -51.37 -1.20 40.82
C GLY B 29 -50.00 -1.80 41.11
N ALA B 30 -49.92 -2.67 42.13
CA ALA B 30 -48.67 -3.34 42.48
C ALA B 30 -48.45 -4.56 41.60
N MET B 31 -49.52 -5.28 41.25
CA MET B 31 -49.44 -6.46 40.39
C MET B 31 -48.95 -6.09 39.00
N GLU B 32 -49.31 -4.91 38.51
CA GLU B 32 -48.92 -4.48 37.18
C GLU B 32 -47.51 -3.88 37.19
N ASP B 33 -47.23 -2.92 38.09
CA ASP B 33 -45.93 -2.26 38.16
C ASP B 33 -44.82 -3.19 38.67
N LEU B 34 -45.16 -4.29 39.36
CA LEU B 34 -44.14 -5.21 39.86
C LEU B 34 -43.56 -6.03 38.71
N GLN B 35 -44.38 -6.39 37.72
CA GLN B 35 -43.91 -7.13 36.57
C GLN B 35 -43.83 -6.17 35.36
N ASP B 36 -43.27 -4.99 35.59
CA ASP B 36 -43.09 -3.96 34.57
C ASP B 36 -41.77 -4.18 33.82
N MET B 37 -41.71 -3.81 32.51
CA MET B 37 -40.51 -3.96 31.69
C MET B 37 -39.47 -2.85 31.95
N PHE B 38 -38.19 -3.22 32.11
CA PHE B 38 -37.16 -2.23 32.35
C PHE B 38 -35.95 -2.39 31.44
N ILE B 39 -35.25 -1.28 31.18
CA ILE B 39 -34.03 -1.32 30.39
C ILE B 39 -33.07 -0.27 30.96
N VAL B 40 -31.90 -0.73 31.40
CA VAL B 40 -30.92 0.14 32.03
C VAL B 40 -29.58 0.09 31.29
N HIS B 41 -28.87 1.22 31.25
CA HIS B 41 -27.57 1.29 30.60
C HIS B 41 -26.50 1.89 31.53
N SER B 42 -26.66 1.66 32.84
CA SER B 42 -25.78 2.14 33.89
C SER B 42 -25.94 1.31 35.16
N ILE B 43 -24.89 1.23 35.96
CA ILE B 43 -24.95 0.51 37.23
C ILE B 43 -25.88 1.27 38.20
N GLU B 44 -25.96 2.62 38.11
CA GLU B 44 -26.84 3.43 38.95
C GLU B 44 -28.32 3.17 38.62
N GLU B 45 -28.62 2.87 37.35
CA GLU B 45 -29.97 2.61 36.90
C GLU B 45 -30.47 1.28 37.40
N ILE B 46 -29.59 0.28 37.61
CA ILE B 46 -30.03 -0.98 38.20
C ILE B 46 -30.02 -0.83 39.74
N GLN B 47 -29.05 -0.06 40.30
CA GLN B 47 -28.97 0.18 41.75
C GLN B 47 -30.17 0.97 42.27
N SER B 48 -30.79 1.81 41.43
CA SER B 48 -31.97 2.58 41.85
C SER B 48 -33.22 1.70 41.80
N LEU B 49 -33.30 0.82 40.79
CA LEU B 49 -34.44 -0.08 40.66
C LEU B 49 -34.41 -1.15 41.75
N ILE B 50 -33.20 -1.60 42.18
CA ILE B 50 -33.10 -2.59 43.25
C ILE B 50 -33.42 -1.94 44.62
N THR B 51 -33.11 -0.63 44.77
CA THR B 51 -33.38 0.13 45.98
C THR B 51 -34.89 0.37 46.10
N ALA B 52 -35.54 0.76 44.99
CA ALA B 52 -36.97 0.98 44.98
C ALA B 52 -37.73 -0.32 45.28
N HIS B 53 -37.20 -1.48 44.86
CA HIS B 53 -37.84 -2.77 45.13
C HIS B 53 -37.65 -3.17 46.59
N GLU B 54 -36.51 -2.82 47.20
CA GLU B 54 -36.29 -3.10 48.63
C GLU B 54 -37.25 -2.25 49.50
N GLN B 55 -37.57 -1.03 49.06
CA GLN B 55 -38.52 -0.15 49.73
C GLN B 55 -39.93 -0.73 49.67
N PHE B 56 -40.29 -1.36 48.55
CA PHE B 56 -41.60 -1.99 48.41
C PHE B 56 -41.69 -3.21 49.32
N LYS B 57 -40.62 -4.04 49.35
CA LYS B 57 -40.54 -5.24 50.20
C LYS B 57 -40.60 -4.90 51.70
N ALA B 58 -40.17 -3.69 52.07
CA ALA B 58 -40.14 -3.23 53.46
C ALA B 58 -41.54 -2.94 54.03
N THR B 59 -42.48 -2.46 53.19
CA THR B 59 -43.83 -2.14 53.66
C THR B 59 -44.80 -3.32 53.58
N LEU B 60 -44.35 -4.49 53.09
CA LEU B 60 -45.18 -5.68 52.96
C LEU B 60 -45.74 -6.23 54.29
N PRO B 61 -44.98 -6.22 55.41
CA PRO B 61 -45.59 -6.65 56.68
C PRO B 61 -46.77 -5.77 57.11
N GLU B 62 -46.68 -4.45 56.87
CA GLU B 62 -47.74 -3.48 57.19
C GLU B 62 -48.96 -3.71 56.32
N ALA B 63 -48.73 -4.05 55.04
CA ALA B 63 -49.80 -4.35 54.08
C ALA B 63 -50.52 -5.65 54.49
N ASP B 64 -49.78 -6.63 55.02
CA ASP B 64 -50.39 -7.88 55.49
C ASP B 64 -51.25 -7.62 56.75
N GLY B 65 -50.86 -6.65 57.57
CA GLY B 65 -51.60 -6.25 58.75
C GLY B 65 -52.93 -5.66 58.34
N GLU B 66 -52.94 -4.81 57.30
CA GLU B 66 -54.18 -4.23 56.77
C GLU B 66 -55.02 -5.31 56.07
N ARG B 67 -54.37 -6.31 55.48
CA ARG B 67 -55.04 -7.43 54.84
C ARG B 67 -55.83 -8.22 55.90
N GLN B 68 -55.23 -8.47 57.07
CA GLN B 68 -55.91 -9.18 58.15
C GLN B 68 -56.95 -8.30 58.83
N SER B 69 -56.69 -6.99 58.91
CA SER B 69 -57.63 -6.03 59.50
C SER B 69 -58.91 -5.91 58.65
N ILE B 70 -58.78 -6.04 57.32
CA ILE B 70 -59.92 -5.97 56.40
C ILE B 70 -60.69 -7.29 56.43
N MET B 71 -59.98 -8.43 56.55
CA MET B 71 -60.66 -9.72 56.65
C MET B 71 -61.30 -9.93 58.05
N ALA B 72 -60.84 -9.18 59.07
CA ALA B 72 -61.41 -9.25 60.41
C ALA B 72 -62.84 -8.71 60.40
N ILE B 73 -63.07 -7.63 59.67
CA ILE B 73 -64.37 -7.00 59.53
C ILE B 73 -65.30 -7.93 58.75
N GLN B 74 -64.80 -8.56 57.67
CA GLN B 74 -65.56 -9.48 56.84
C GLN B 74 -66.01 -10.71 57.63
N ASN B 75 -65.12 -11.24 58.48
CA ASN B 75 -65.45 -12.41 59.30
C ASN B 75 -66.47 -12.02 60.37
N GLU B 76 -66.29 -10.85 61.00
CA GLU B 76 -67.21 -10.35 62.02
C GLU B 76 -68.62 -10.08 61.47
N VAL B 77 -68.75 -9.83 60.15
CA VAL B 77 -70.04 -9.62 59.50
C VAL B 77 -70.75 -10.97 59.45
N GLU B 78 -70.07 -12.00 58.92
CA GLU B 78 -70.64 -13.35 58.85
C GLU B 78 -70.86 -13.96 60.26
N LYS B 79 -70.18 -13.42 61.29
CA LYS B 79 -70.29 -13.87 62.66
C LYS B 79 -71.60 -13.39 63.28
N VAL B 80 -71.93 -12.10 63.13
CA VAL B 80 -73.15 -11.56 63.74
C VAL B 80 -74.41 -11.94 62.95
N ILE B 81 -74.30 -12.27 61.64
CA ILE B 81 -75.49 -12.73 60.90
C ILE B 81 -75.80 -14.20 61.24
N GLN B 82 -74.79 -14.98 61.68
CA GLN B 82 -74.91 -16.36 62.13
C GLN B 82 -75.38 -16.37 63.61
N SER B 83 -74.81 -15.46 64.42
CA SER B 83 -75.11 -15.27 65.84
C SER B 83 -76.55 -14.83 66.09
N TYR B 84 -77.09 -13.99 65.21
CA TYR B 84 -78.45 -13.49 65.39
C TYR B 84 -79.43 -14.02 64.32
N ASN B 85 -79.02 -14.98 63.49
CA ASN B 85 -79.82 -15.63 62.43
C ASN B 85 -80.80 -14.67 61.71
N ILE B 86 -80.25 -13.67 61.00
CA ILE B 86 -81.06 -12.76 60.21
C ILE B 86 -80.83 -13.09 58.73
N ARG B 87 -81.88 -13.55 58.03
CA ARG B 87 -81.79 -13.94 56.61
C ARG B 87 -81.45 -12.76 55.69
N ILE B 88 -80.33 -12.88 54.95
CA ILE B 88 -79.87 -11.85 54.02
C ILE B 88 -78.96 -12.49 52.94
N SER B 89 -78.69 -11.75 51.84
CA SER B 89 -77.86 -12.25 50.74
C SER B 89 -76.38 -12.44 51.12
N SER B 90 -75.92 -11.83 52.22
CA SER B 90 -74.52 -11.89 52.68
C SER B 90 -73.53 -11.54 51.55
N SER B 91 -73.79 -10.41 50.89
CA SER B 91 -72.97 -9.83 49.82
C SER B 91 -73.02 -8.31 49.97
N ASN B 92 -71.92 -7.71 50.47
CA ASN B 92 -71.78 -6.28 50.78
C ASN B 92 -72.41 -5.37 49.72
N PRO B 93 -73.45 -4.60 50.10
CA PRO B 93 -74.12 -3.75 49.12
C PRO B 93 -73.35 -2.49 48.75
N TYR B 94 -72.13 -2.31 49.25
CA TYR B 94 -71.34 -1.13 48.96
C TYR B 94 -70.08 -1.48 48.20
N SER B 95 -69.42 -2.58 48.59
CA SER B 95 -68.21 -3.01 47.92
C SER B 95 -68.46 -4.21 47.03
N THR B 96 -68.25 -4.04 45.72
CA THR B 96 -68.40 -5.15 44.77
C THR B 96 -67.16 -6.10 44.80
N VAL B 97 -66.09 -5.73 45.53
CA VAL B 97 -64.86 -6.49 45.66
C VAL B 97 -64.95 -7.45 46.84
N THR B 98 -65.16 -8.75 46.57
CA THR B 98 -65.30 -9.78 47.60
C THR B 98 -64.00 -9.97 48.41
N MET B 99 -64.09 -10.64 49.57
CA MET B 99 -62.92 -10.88 50.40
C MET B 99 -62.00 -11.93 49.76
N ASP B 100 -62.58 -12.93 49.08
CA ASP B 100 -61.80 -13.94 48.36
C ASP B 100 -60.96 -13.28 47.27
N GLU B 101 -61.53 -12.27 46.58
CA GLU B 101 -60.83 -11.50 45.55
C GLU B 101 -59.59 -10.84 46.12
N LEU B 102 -59.69 -10.19 47.28
CA LEU B 102 -58.52 -9.55 47.89
C LEU B 102 -57.49 -10.58 48.37
N ARG B 103 -57.94 -11.79 48.72
CA ARG B 103 -57.06 -12.84 49.19
C ARG B 103 -56.23 -13.39 48.02
N THR B 104 -56.86 -13.77 46.90
CA THR B 104 -56.13 -14.32 45.76
C THR B 104 -55.21 -13.27 45.13
N LYS B 105 -55.64 -11.99 45.10
CA LYS B 105 -54.81 -10.92 44.55
C LYS B 105 -53.57 -10.70 45.43
N TRP B 106 -53.67 -10.91 46.75
CA TRP B 106 -52.53 -10.78 47.65
C TRP B 106 -51.53 -11.89 47.41
N ASP B 107 -52.03 -13.12 47.15
CA ASP B 107 -51.18 -14.27 46.84
C ASP B 107 -50.37 -14.00 45.57
N LYS B 108 -51.01 -13.38 44.56
CA LYS B 108 -50.35 -13.01 43.32
C LYS B 108 -49.25 -11.98 43.60
N VAL B 109 -49.51 -10.95 44.43
CA VAL B 109 -48.49 -9.96 44.78
C VAL B 109 -47.32 -10.66 45.51
N LYS B 110 -47.64 -11.62 46.38
CA LYS B 110 -46.66 -12.40 47.12
C LYS B 110 -45.75 -13.21 46.19
N GLN B 111 -46.28 -13.73 45.08
CA GLN B 111 -45.53 -14.54 44.12
C GLN B 111 -44.69 -13.71 43.15
N LEU B 112 -45.05 -12.45 42.92
CA LEU B 112 -44.30 -11.59 42.00
C LEU B 112 -43.08 -10.97 42.66
N VAL B 113 -43.09 -10.81 43.99
CA VAL B 113 -41.96 -10.21 44.70
C VAL B 113 -40.67 -11.04 44.49
N PRO B 114 -40.64 -12.38 44.68
CA PRO B 114 -39.38 -13.12 44.44
C PRO B 114 -38.93 -13.10 42.98
N ILE B 115 -39.87 -12.92 42.04
CA ILE B 115 -39.57 -12.86 40.63
C ILE B 115 -38.90 -11.54 40.31
N ARG B 116 -39.43 -10.44 40.82
CA ARG B 116 -38.89 -9.12 40.53
C ARG B 116 -37.47 -8.97 41.03
N ASP B 117 -37.15 -9.47 42.25
CA ASP B 117 -35.78 -9.31 42.74
C ASP B 117 -34.84 -10.25 41.99
N GLN B 118 -35.29 -11.44 41.54
CA GLN B 118 -34.40 -12.34 40.78
C GLN B 118 -34.12 -11.78 39.37
N SER B 119 -35.05 -11.01 38.80
CA SER B 119 -34.85 -10.38 37.48
C SER B 119 -33.98 -9.14 37.62
N LEU B 120 -34.08 -8.41 38.74
CA LEU B 120 -33.25 -7.25 38.98
C LEU B 120 -31.82 -7.67 39.33
N GLN B 121 -31.64 -8.81 40.02
CA GLN B 121 -30.31 -9.34 40.35
C GLN B 121 -29.60 -9.87 39.09
N GLU B 122 -30.37 -10.38 38.11
CA GLU B 122 -29.85 -10.86 36.84
C GLU B 122 -29.32 -9.70 36.03
N GLU B 123 -30.07 -8.58 35.99
CA GLU B 123 -29.67 -7.39 35.25
C GLU B 123 -28.52 -6.67 35.94
N LEU B 124 -28.41 -6.77 37.29
CA LEU B 124 -27.28 -6.21 38.01
C LEU B 124 -26.01 -6.97 37.63
N ALA B 125 -26.10 -8.31 37.50
CA ALA B 125 -24.99 -9.16 37.10
C ALA B 125 -24.56 -8.82 35.67
N ARG B 126 -25.53 -8.58 34.77
CA ARG B 126 -25.28 -8.19 33.40
C ARG B 126 -24.56 -6.84 33.38
N GLN B 127 -25.04 -5.88 34.15
CA GLN B 127 -24.45 -4.54 34.25
C GLN B 127 -23.04 -4.57 34.84
N HIS B 128 -22.79 -5.49 35.78
CA HIS B 128 -21.48 -5.62 36.42
C HIS B 128 -20.50 -6.28 35.47
N ALA B 129 -20.95 -7.28 34.69
CA ALA B 129 -20.09 -7.92 33.71
C ALA B 129 -19.81 -6.96 32.54
N ASN B 130 -20.79 -6.14 32.17
CA ASN B 130 -20.64 -5.17 31.10
C ASN B 130 -19.65 -4.08 31.49
N GLU B 131 -19.63 -3.67 32.75
CA GLU B 131 -18.69 -2.66 33.23
C GLU B 131 -17.24 -3.20 33.18
N ARG B 132 -17.04 -4.51 33.36
CA ARG B 132 -15.72 -5.12 33.26
C ARG B 132 -15.22 -5.00 31.82
N LEU B 133 -16.09 -5.24 30.84
CA LEU B 133 -15.73 -5.11 29.43
C LEU B 133 -15.36 -3.65 29.12
N ARG B 134 -16.15 -2.69 29.62
CA ARG B 134 -15.90 -1.25 29.45
C ARG B 134 -14.51 -0.87 29.96
N ARG B 135 -14.12 -1.43 31.11
CA ARG B 135 -12.82 -1.17 31.73
C ARG B 135 -11.70 -1.87 30.99
N GLN B 136 -11.93 -3.11 30.52
CA GLN B 136 -10.93 -3.87 29.78
C GLN B 136 -10.53 -3.14 28.52
N PHE B 137 -11.50 -2.55 27.80
CA PHE B 137 -11.25 -1.80 26.57
C PHE B 137 -10.42 -0.55 26.87
N ALA B 138 -10.79 0.19 27.92
CA ALA B 138 -10.09 1.41 28.34
C ALA B 138 -8.67 1.12 28.84
N ALA B 139 -8.40 -0.12 29.28
CA ALA B 139 -7.08 -0.51 29.76
C ALA B 139 -6.10 -0.66 28.60
N GLN B 140 -6.58 -1.21 27.48
CA GLN B 140 -5.73 -1.42 26.31
C GLN B 140 -5.72 -0.20 25.40
N ALA B 141 -6.89 0.40 25.09
CA ALA B 141 -6.98 1.56 24.20
C ALA B 141 -6.20 2.77 24.69
N ASN B 142 -6.13 2.98 26.00
CA ASN B 142 -5.38 4.10 26.57
C ASN B 142 -3.86 3.82 26.66
N ALA B 143 -3.39 2.64 26.22
CA ALA B 143 -1.99 2.23 26.23
C ALA B 143 -1.48 2.03 24.80
N ILE B 144 -2.33 1.41 23.95
CA ILE B 144 -2.08 1.14 22.55
C ILE B 144 -2.20 2.42 21.74
N GLY B 145 -3.23 3.22 22.04
CA GLY B 145 -3.48 4.51 21.40
C GLY B 145 -2.27 5.44 21.42
N PRO B 146 -1.73 5.72 22.62
CA PRO B 146 -0.54 6.60 22.70
C PRO B 146 0.76 5.93 22.21
N TRP B 147 0.84 4.59 22.24
CA TRP B 147 2.02 3.84 21.76
C TRP B 147 2.22 4.10 20.27
N ILE B 148 1.13 4.07 19.51
CA ILE B 148 1.10 4.29 18.07
C ILE B 148 1.59 5.71 17.77
N GLN B 149 1.11 6.69 18.56
CA GLN B 149 1.51 8.09 18.45
C GLN B 149 3.03 8.23 18.58
N ASN B 150 3.63 7.48 19.53
CA ASN B 150 5.07 7.52 19.76
C ASN B 150 5.85 6.91 18.59
N LYS B 151 5.46 5.72 18.08
CA LYS B 151 6.15 5.13 16.94
C LYS B 151 6.01 6.01 15.70
N MET B 152 4.88 6.73 15.57
CA MET B 152 4.66 7.67 14.47
C MET B 152 5.69 8.78 14.52
N GLU B 153 5.92 9.34 15.73
CA GLU B 153 6.89 10.41 15.98
C GLU B 153 8.33 9.91 15.80
N GLU B 154 8.64 8.70 16.27
CA GLU B 154 9.96 8.06 16.17
C GLU B 154 10.37 7.87 14.72
N ILE B 155 9.43 7.44 13.89
CA ILE B 155 9.65 7.22 12.46
C ILE B 155 9.78 8.58 11.76
N ALA B 156 8.90 9.56 12.11
CA ALA B 156 8.95 10.92 11.56
C ALA B 156 10.27 11.63 11.91
N ARG B 157 10.90 11.27 13.04
CA ARG B 157 12.17 11.82 13.48
C ARG B 157 13.30 11.11 12.75
N SER B 158 13.22 9.79 12.60
CA SER B 158 14.27 9.03 11.89
C SER B 158 14.31 9.36 10.38
N SER B 159 13.24 9.93 9.82
CA SER B 159 13.22 10.33 8.42
C SER B 159 13.61 11.82 8.22
N ILE B 160 14.14 12.49 9.26
CA ILE B 160 14.61 13.88 9.24
C ILE B 160 15.94 13.99 10.01
N GLN B 161 16.81 12.98 9.87
CA GLN B 161 18.08 12.96 10.59
C GLN B 161 19.18 13.75 9.87
N ILE B 162 19.85 14.62 10.61
CA ILE B 162 20.94 15.43 10.06
C ILE B 162 22.16 14.52 9.80
N THR B 163 22.53 13.69 10.80
CA THR B 163 23.66 12.76 10.74
C THR B 163 23.27 11.49 9.96
N GLY B 164 22.91 11.68 8.70
CA GLY B 164 22.48 10.60 7.83
C GLY B 164 23.56 9.62 7.44
N ALA B 165 23.29 8.34 7.68
CA ALA B 165 24.21 7.27 7.33
C ALA B 165 23.59 6.30 6.30
N LEU B 166 22.23 6.24 6.21
CA LEU B 166 21.41 5.42 5.31
C LEU B 166 21.43 3.95 5.72
N GLU B 167 22.61 3.34 5.85
CA GLU B 167 22.72 1.95 6.29
C GLU B 167 22.34 1.86 7.78
N ASP B 168 22.71 2.86 8.59
CA ASP B 168 22.34 2.90 10.00
C ASP B 168 20.85 3.24 10.15
N GLN B 169 20.33 4.10 9.26
CA GLN B 169 18.92 4.50 9.23
C GLN B 169 18.01 3.33 8.85
N MET B 170 18.50 2.44 7.97
CA MET B 170 17.77 1.24 7.53
C MET B 170 17.70 0.23 8.67
N ASN B 171 18.78 0.05 9.41
CA ASN B 171 18.81 -0.88 10.55
C ASN B 171 17.95 -0.35 11.72
N GLN B 172 17.85 0.98 11.86
CA GLN B 172 17.01 1.62 12.88
C GLN B 172 15.53 1.50 12.47
N LEU B 173 15.23 1.67 11.17
CA LEU B 173 13.87 1.53 10.63
C LEU B 173 13.42 0.08 10.63
N LYS B 174 14.35 -0.87 10.43
CA LYS B 174 14.01 -2.29 10.47
C LYS B 174 13.67 -2.74 11.91
N GLN B 175 14.15 -2.01 12.94
CA GLN B 175 13.83 -2.31 14.34
C GLN B 175 12.58 -1.57 14.79
N TYR B 176 12.24 -0.42 14.18
CA TYR B 176 10.97 0.26 14.46
C TYR B 176 9.82 -0.57 13.84
N GLU B 177 10.06 -1.17 12.66
CA GLU B 177 9.14 -2.06 11.97
C GLU B 177 8.93 -3.34 12.77
N HIS B 178 10.01 -3.86 13.40
CA HIS B 178 9.98 -5.05 14.24
C HIS B 178 9.18 -4.82 15.54
N ASN B 179 9.15 -3.57 16.03
CA ASN B 179 8.34 -3.24 17.22
C ASN B 179 6.85 -3.26 16.86
N ILE B 180 6.52 -2.82 15.64
CA ILE B 180 5.17 -2.79 15.10
C ILE B 180 4.66 -4.22 14.88
N ILE B 181 5.48 -5.11 14.31
CA ILE B 181 5.04 -6.50 14.05
C ILE B 181 4.79 -7.28 15.35
N ASN B 182 5.46 -6.92 16.45
CA ASN B 182 5.22 -7.60 17.73
C ASN B 182 4.18 -6.88 18.62
N TYR B 183 3.61 -5.75 18.14
CA TYR B 183 2.57 -5.01 18.86
C TYR B 183 1.19 -5.33 18.28
N LYS B 184 1.11 -5.81 17.01
CA LYS B 184 -0.15 -6.22 16.37
C LYS B 184 -0.85 -7.29 17.24
N ASN B 185 -0.06 -8.16 17.93
CA ASN B 185 -0.53 -9.20 18.86
C ASN B 185 -1.48 -8.63 19.92
N ASN B 186 -1.35 -7.34 20.25
CA ASN B 186 -2.14 -6.65 21.26
C ASN B 186 -3.36 -5.94 20.66
N ILE B 187 -3.26 -5.48 19.40
CA ILE B 187 -4.33 -4.78 18.70
C ILE B 187 -5.39 -5.78 18.29
N ASP B 188 -5.00 -6.96 17.77
CA ASP B 188 -5.99 -7.98 17.41
C ASP B 188 -6.71 -8.52 18.67
N LYS B 189 -6.04 -8.50 19.83
CA LYS B 189 -6.68 -8.88 21.09
C LYS B 189 -7.68 -7.79 21.51
N LEU B 190 -7.36 -6.50 21.25
CA LEU B 190 -8.24 -5.36 21.53
C LEU B 190 -9.49 -5.42 20.65
N GLU B 191 -9.34 -5.86 19.38
CA GLU B 191 -10.46 -6.04 18.46
C GLU B 191 -11.49 -7.04 18.99
N GLY B 192 -11.01 -8.05 19.72
CA GLY B 192 -11.85 -9.06 20.32
C GLY B 192 -12.67 -8.48 21.46
N ASP B 193 -12.06 -7.60 22.26
CA ASP B 193 -12.76 -6.94 23.37
C ASP B 193 -13.81 -5.97 22.83
N HIS B 194 -13.49 -5.25 21.75
CA HIS B 194 -14.42 -4.32 21.09
C HIS B 194 -15.64 -5.08 20.59
N GLN B 195 -15.43 -6.32 20.09
CA GLN B 195 -16.50 -7.19 19.61
C GLN B 195 -17.37 -7.64 20.75
N LEU B 196 -16.77 -7.96 21.89
CA LEU B 196 -17.51 -8.38 23.07
C LEU B 196 -18.38 -7.23 23.63
N ILE B 197 -17.93 -5.97 23.45
CA ILE B 197 -18.63 -4.78 23.92
C ILE B 197 -19.82 -4.47 23.01
N GLN B 198 -19.58 -4.38 21.69
CA GLN B 198 -20.65 -4.05 20.75
C GLN B 198 -21.69 -5.17 20.64
N GLU B 199 -21.30 -6.43 20.89
CA GLU B 199 -22.25 -7.53 20.87
C GLU B 199 -23.11 -7.54 22.17
N ALA B 200 -22.61 -6.91 23.26
CA ALA B 200 -23.37 -6.74 24.50
C ALA B 200 -24.29 -5.49 24.46
N LEU B 201 -24.38 -4.82 23.30
CA LEU B 201 -25.16 -3.61 23.05
C LEU B 201 -24.72 -2.50 23.99
N VAL B 202 -23.40 -2.20 23.98
CA VAL B 202 -22.79 -1.19 24.85
C VAL B 202 -22.13 -0.03 24.08
N PHE B 203 -22.78 1.15 24.10
CA PHE B 203 -22.22 2.37 23.54
C PHE B 203 -22.03 3.30 24.74
N ASP B 204 -21.04 2.98 25.56
CA ASP B 204 -20.81 3.68 26.80
C ASP B 204 -19.42 3.38 27.31
N ASN B 205 -18.50 4.36 27.22
CA ASN B 205 -17.16 4.16 27.79
C ASN B 205 -16.55 5.49 28.19
N LYS B 206 -16.87 5.93 29.41
CA LYS B 206 -16.32 7.16 29.96
C LYS B 206 -14.86 6.98 30.41
N HIS B 207 -14.42 5.73 30.66
CA HIS B 207 -13.07 5.42 31.10
C HIS B 207 -12.01 5.69 30.00
N THR B 208 -12.43 5.77 28.73
CA THR B 208 -11.50 6.06 27.64
C THR B 208 -12.04 7.18 26.72
N ASN B 209 -11.12 7.81 26.02
CA ASN B 209 -11.36 8.87 25.04
C ASN B 209 -11.17 8.33 23.59
N TYR B 210 -10.36 7.26 23.43
CA TYR B 210 -10.06 6.60 22.17
C TYR B 210 -11.12 5.61 21.74
N THR B 211 -11.69 5.77 20.53
CA THR B 211 -12.63 4.78 20.01
C THR B 211 -11.81 3.69 19.28
N MET B 212 -12.43 2.54 18.93
CA MET B 212 -11.72 1.49 18.18
C MET B 212 -11.36 2.02 16.80
N GLU B 213 -12.24 2.81 16.17
CA GLU B 213 -11.95 3.38 14.85
C GLU B 213 -10.75 4.35 14.90
N HIS B 214 -10.51 5.01 16.06
CA HIS B 214 -9.35 5.88 16.27
C HIS B 214 -8.06 5.06 16.23
N ILE B 215 -8.11 3.84 16.79
CA ILE B 215 -6.97 2.92 16.82
C ILE B 215 -6.81 2.26 15.45
N ARG B 216 -7.92 1.91 14.79
CA ARG B 216 -7.91 1.29 13.47
C ARG B 216 -7.30 2.22 12.44
N VAL B 217 -7.63 3.50 12.51
CA VAL B 217 -7.09 4.50 11.59
C VAL B 217 -5.59 4.73 11.92
N GLY B 218 -5.30 4.90 13.19
CA GLY B 218 -3.94 5.12 13.66
C GLY B 218 -2.99 4.00 13.31
N TRP B 219 -3.47 2.75 13.35
CA TRP B 219 -2.65 1.60 13.03
C TRP B 219 -2.38 1.54 11.54
N GLU B 220 -3.39 1.81 10.71
CA GLU B 220 -3.22 1.84 9.25
C GLU B 220 -2.25 2.94 8.85
N LEU B 221 -2.32 4.09 9.54
CA LEU B 221 -1.45 5.23 9.34
C LEU B 221 -0.02 4.85 9.69
N LEU B 222 0.18 4.19 10.82
CA LEU B 222 1.50 3.77 11.25
C LEU B 222 2.05 2.73 10.29
N LEU B 223 1.23 1.76 9.87
CA LEU B 223 1.65 0.70 8.96
C LEU B 223 2.02 1.23 7.58
N THR B 224 1.26 2.20 7.07
CA THR B 224 1.59 2.80 5.78
C THR B 224 2.77 3.78 5.88
N THR B 225 3.05 4.31 7.08
CA THR B 225 4.14 5.26 7.31
C THR B 225 5.48 4.51 7.39
N ILE B 226 5.54 3.34 8.07
CA ILE B 226 6.79 2.57 8.14
C ILE B 226 7.14 2.03 6.77
N ALA B 227 6.15 1.53 6.02
CA ALA B 227 6.36 1.01 4.68
C ALA B 227 6.78 2.12 3.72
N ARG B 228 6.23 3.33 3.89
CA ARG B 228 6.59 4.47 3.06
C ARG B 228 8.05 4.86 3.32
N THR B 229 8.40 5.11 4.58
CA THR B 229 9.74 5.55 4.97
C THR B 229 10.82 4.51 4.73
N ILE B 230 10.51 3.19 4.82
CA ILE B 230 11.54 2.19 4.55
C ILE B 230 11.92 2.26 3.06
N ASN B 231 10.91 2.41 2.19
CA ASN B 231 11.12 2.56 0.75
C ASN B 231 11.96 3.80 0.45
N GLU B 232 11.78 4.88 1.23
CA GLU B 232 12.55 6.11 1.07
C GLU B 232 14.05 5.84 1.25
N VAL B 233 14.42 5.04 2.27
CA VAL B 233 15.80 4.67 2.54
C VAL B 233 16.34 3.81 1.41
N GLU B 234 15.57 2.79 0.98
CA GLU B 234 16.00 1.93 -0.12
C GLU B 234 16.19 2.71 -1.42
N THR B 235 15.38 3.76 -1.63
CA THR B 235 15.43 4.60 -2.82
C THR B 235 16.66 5.50 -2.78
N GLN B 236 16.94 6.08 -1.62
CA GLN B 236 18.10 6.94 -1.44
C GLN B 236 19.40 6.13 -1.64
N ILE B 237 19.42 4.87 -1.20
CA ILE B 237 20.59 4.00 -1.37
C ILE B 237 20.70 3.56 -2.82
N LEU B 238 19.58 3.22 -3.47
CA LEU B 238 19.60 2.79 -4.86
C LEU B 238 20.04 3.92 -5.78
N THR B 239 19.66 5.17 -5.48
CA THR B 239 20.07 6.31 -6.32
C THR B 239 21.52 6.73 -6.00
N ARG B 240 21.99 6.52 -4.76
CA ARG B 240 23.35 6.84 -4.35
C ARG B 240 24.33 5.84 -4.96
N ASP B 241 23.99 4.56 -4.94
CA ASP B 241 24.86 3.52 -5.50
C ASP B 241 24.95 3.63 -7.01
N ALA B 242 23.83 4.01 -7.67
CA ALA B 242 23.78 4.23 -9.12
C ALA B 242 24.59 5.47 -9.51
N LYS B 243 24.59 6.51 -8.63
CA LYS B 243 25.39 7.72 -8.81
C LYS B 243 26.92 7.42 -8.75
N GLY B 244 27.30 6.25 -8.24
CA GLY B 244 28.68 5.80 -8.20
C GLY B 244 29.44 6.09 -6.94
N ILE B 245 28.96 7.04 -6.11
CA ILE B 245 29.65 7.40 -4.88
C ILE B 245 29.62 6.24 -3.86
N THR B 246 30.74 6.05 -3.13
CA THR B 246 30.87 4.95 -2.17
C THR B 246 30.12 5.27 -0.85
N GLN B 247 29.91 4.24 0.00
CA GLN B 247 29.18 4.36 1.26
C GLN B 247 29.94 5.22 2.28
N GLU B 248 31.26 5.02 2.38
CA GLU B 248 32.10 5.80 3.31
C GLU B 248 32.24 7.24 2.81
N GLN B 249 32.31 7.43 1.48
CA GLN B 249 32.40 8.76 0.87
C GLN B 249 31.10 9.52 1.08
N MET B 250 29.95 8.83 1.02
CA MET B 250 28.65 9.44 1.24
C MET B 250 28.56 9.97 2.66
N ASN B 251 28.99 9.16 3.65
CA ASN B 251 29.01 9.56 5.07
C ASN B 251 29.98 10.71 5.31
N GLU B 252 31.09 10.75 4.56
CA GLU B 252 32.09 11.82 4.59
C GLU B 252 31.47 13.12 4.06
N PHE B 253 30.64 13.03 3.00
CA PHE B 253 29.94 14.18 2.45
C PHE B 253 28.88 14.68 3.41
N ARG B 254 28.18 13.75 4.09
CA ARG B 254 27.16 14.08 5.09
C ARG B 254 27.81 14.77 6.30
N ALA B 255 29.03 14.35 6.66
CA ALA B 255 29.79 14.94 7.77
C ALA B 255 30.29 16.34 7.40
N SER B 256 30.81 16.52 6.17
CA SER B 256 31.26 17.84 5.70
C SER B 256 30.07 18.79 5.57
N PHE B 257 28.88 18.26 5.22
CA PHE B 257 27.63 18.97 5.09
C PHE B 257 27.19 19.46 6.47
N ASN B 258 27.25 18.57 7.49
CA ASN B 258 26.83 18.82 8.87
C ASN B 258 27.58 19.98 9.54
N HIS B 259 28.88 20.13 9.28
CA HIS B 259 29.67 21.19 9.93
C HIS B 259 29.51 22.53 9.25
N PHE B 260 29.28 22.53 7.94
CA PHE B 260 29.01 23.74 7.20
C PHE B 260 27.50 23.98 7.25
N ASP B 261 26.90 23.93 8.47
CA ASP B 261 25.46 24.09 8.70
C ASP B 261 25.15 24.90 9.97
N ARG B 262 25.18 26.21 9.87
CA ARG B 262 24.84 27.10 10.99
C ARG B 262 23.31 27.24 11.10
N ARG B 263 22.59 27.19 9.96
CA ARG B 263 21.13 27.31 9.91
C ARG B 263 20.47 26.10 10.55
N LYS B 264 21.01 24.89 10.30
CA LYS B 264 20.56 23.59 10.82
C LYS B 264 19.25 23.12 10.17
N ASN B 265 18.16 23.92 10.22
CA ASN B 265 16.88 23.58 9.59
C ASN B 265 17.09 23.49 8.07
N GLY B 266 17.79 24.47 7.52
CA GLY B 266 18.16 24.51 6.12
C GLY B 266 19.67 24.38 5.97
N LEU B 267 20.14 24.22 4.73
CA LEU B 267 21.57 24.10 4.45
C LEU B 267 22.22 25.47 4.57
N MET B 268 23.30 25.58 5.38
CA MET B 268 24.06 26.83 5.50
C MET B 268 24.73 27.09 4.16
N ASP B 269 24.24 28.09 3.46
CA ASP B 269 24.64 28.40 2.09
C ASP B 269 25.24 29.81 1.94
N HIS B 270 25.15 30.41 0.72
CA HIS B 270 25.63 31.73 0.35
C HIS B 270 27.19 31.73 0.42
N GLU B 271 27.81 32.37 1.42
CA GLU B 271 29.28 32.36 1.53
C GLU B 271 29.82 31.05 2.14
N ASP B 272 28.94 30.16 2.65
CA ASP B 272 29.32 28.85 3.17
C ASP B 272 29.54 27.87 2.02
N PHE B 273 28.80 28.01 0.90
CA PHE B 273 29.08 27.19 -0.27
C PHE B 273 30.43 27.64 -0.87
N ARG B 274 30.75 28.95 -0.81
CA ARG B 274 32.04 29.50 -1.22
C ARG B 274 33.15 28.87 -0.35
N ALA B 275 32.86 28.64 0.96
CA ALA B 275 33.78 28.01 1.93
C ALA B 275 33.95 26.48 1.68
N CYS B 276 33.08 25.87 0.88
CA CYS B 276 33.22 24.48 0.46
C CYS B 276 34.14 24.41 -0.77
N LEU B 277 34.03 25.42 -1.66
CA LEU B 277 34.80 25.55 -2.89
C LEU B 277 36.25 25.93 -2.61
N ILE B 278 36.51 26.69 -1.53
CA ILE B 278 37.85 27.07 -1.14
C ILE B 278 38.64 25.88 -0.54
N SER B 279 37.93 24.89 0.04
CA SER B 279 38.53 23.69 0.59
C SER B 279 39.19 22.89 -0.53
N MET B 280 38.50 22.75 -1.68
CA MET B 280 39.02 22.01 -2.82
C MET B 280 38.90 22.80 -4.13
N GLY B 281 39.85 22.60 -5.04
CA GLY B 281 39.87 23.29 -6.31
C GLY B 281 40.44 24.70 -6.24
N TYR B 282 40.51 25.40 -7.38
CA TYR B 282 41.02 26.77 -7.42
C TYR B 282 40.05 27.70 -8.13
N ASP B 283 39.94 28.91 -7.57
CA ASP B 283 39.13 30.09 -7.91
C ASP B 283 37.81 29.66 -8.63
N LEU B 284 37.51 30.17 -9.86
CA LEU B 284 36.32 29.79 -10.65
C LEU B 284 35.05 29.89 -9.82
N GLY B 285 34.95 30.94 -9.02
CA GLY B 285 33.83 31.11 -8.11
C GLY B 285 32.85 32.21 -8.46
N GLU B 286 33.12 32.94 -9.54
CA GLU B 286 32.25 34.01 -9.97
C GLU B 286 31.18 33.47 -10.92
N ALA B 287 31.55 32.59 -11.86
CA ALA B 287 30.58 32.02 -12.79
C ALA B 287 29.91 30.79 -12.18
N GLU B 288 30.64 30.07 -11.30
CA GLU B 288 30.12 28.90 -10.61
C GLU B 288 29.13 29.33 -9.49
N PHE B 289 29.37 30.48 -8.81
CA PHE B 289 28.44 30.97 -7.78
C PHE B 289 27.12 31.39 -8.45
N ALA B 290 27.21 32.15 -9.55
CA ALA B 290 26.03 32.62 -10.29
C ALA B 290 25.23 31.44 -10.85
N ARG B 291 25.91 30.37 -11.25
CA ARG B 291 25.23 29.16 -11.75
C ARG B 291 24.56 28.41 -10.60
N ILE B 292 25.16 28.41 -9.38
CA ILE B 292 24.56 27.74 -8.23
C ILE B 292 23.35 28.53 -7.70
N MET B 293 23.37 29.88 -7.83
CA MET B 293 22.22 30.70 -7.43
C MET B 293 21.03 30.45 -8.40
N THR B 294 21.31 30.14 -9.69
CA THR B 294 20.25 29.80 -10.65
C THR B 294 19.78 28.36 -10.44
N LEU B 295 20.72 27.47 -10.05
CA LEU B 295 20.47 26.06 -9.76
C LEU B 295 19.96 25.85 -8.30
N VAL B 296 19.46 26.90 -7.63
CA VAL B 296 18.90 26.75 -6.27
C VAL B 296 17.61 25.92 -6.40
N ASP B 297 16.77 26.29 -7.37
CA ASP B 297 15.52 25.61 -7.67
C ASP B 297 15.08 26.00 -9.08
N PRO B 298 14.74 25.01 -9.93
CA PRO B 298 14.28 25.36 -11.29
C PRO B 298 12.90 26.04 -11.26
N ASN B 299 12.03 25.62 -10.35
CA ASN B 299 10.72 26.23 -10.16
C ASN B 299 10.39 26.29 -8.65
N GLY B 300 9.41 27.10 -8.28
CA GLY B 300 9.03 27.25 -6.88
C GLY B 300 8.27 26.07 -6.30
N VAL B 304 19.48 27.95 -1.01
CA VAL B 304 19.76 26.60 -1.51
C VAL B 304 19.29 25.59 -0.43
N THR B 305 18.66 24.50 -0.89
CA THR B 305 18.07 23.45 -0.05
C THR B 305 19.15 22.57 0.62
N PHE B 306 18.82 21.89 1.73
CA PHE B 306 19.76 21.04 2.47
C PHE B 306 20.02 19.72 1.72
N GLN B 307 18.99 18.87 1.50
CA GLN B 307 19.14 17.63 0.74
C GLN B 307 19.48 17.95 -0.73
N SER B 308 18.88 19.02 -1.27
CA SER B 308 19.09 19.50 -2.63
C SER B 308 20.55 19.90 -2.85
N PHE B 309 21.22 20.45 -1.83
CA PHE B 309 22.63 20.83 -1.91
C PHE B 309 23.52 19.62 -2.17
N ILE B 310 23.20 18.50 -1.51
CA ILE B 310 23.93 17.24 -1.66
C ILE B 310 23.77 16.72 -3.09
N ASP B 311 22.56 16.84 -3.65
CA ASP B 311 22.20 16.42 -5.00
C ASP B 311 22.87 17.30 -6.07
N PHE B 312 23.01 18.61 -5.80
CA PHE B 312 23.61 19.52 -6.78
C PHE B 312 25.15 19.41 -6.81
N MET B 313 25.78 19.00 -5.71
CA MET B 313 27.21 18.77 -5.68
C MET B 313 27.51 17.46 -6.45
N THR B 314 26.68 16.42 -6.27
CA THR B 314 26.87 15.16 -6.98
C THR B 314 26.30 15.19 -8.43
N ARG B 315 25.69 16.31 -8.87
CA ARG B 315 25.11 16.41 -10.21
C ARG B 315 26.14 16.84 -11.27
N GLU B 316 27.09 17.73 -10.91
CA GLU B 316 28.09 18.17 -11.88
C GLU B 316 28.99 17.00 -12.35
N THR B 317 29.19 15.99 -11.48
CA THR B 317 29.96 14.80 -11.84
C THR B 317 28.98 13.83 -12.54
N ALA B 318 28.87 13.93 -13.87
CA ALA B 318 27.93 13.10 -14.62
C ALA B 318 28.61 12.19 -15.65
N ASP B 319 28.36 10.87 -15.55
CA ASP B 319 28.86 9.84 -16.46
C ASP B 319 27.85 8.69 -16.53
N THR B 320 27.17 8.53 -17.68
CA THR B 320 26.13 7.50 -17.83
C THR B 320 26.25 6.76 -19.19
N ASP B 321 25.43 5.69 -19.39
CA ASP B 321 25.39 4.92 -20.63
C ASP B 321 24.07 5.21 -21.35
N THR B 322 24.12 5.69 -22.61
CA THR B 322 22.91 6.03 -23.37
C THR B 322 22.85 5.27 -24.75
N ALA B 323 21.78 5.52 -25.56
CA ALA B 323 21.48 4.93 -26.88
C ALA B 323 22.64 4.98 -27.90
N GLU B 324 23.37 6.09 -28.01
CA GLU B 324 24.50 6.19 -28.95
C GLU B 324 25.57 5.10 -28.64
N GLN B 325 25.62 4.62 -27.39
CA GLN B 325 26.56 3.57 -27.01
C GLN B 325 26.14 2.23 -27.54
N VAL B 326 24.83 1.94 -27.55
CA VAL B 326 24.27 0.67 -28.00
C VAL B 326 24.05 0.68 -29.53
N ILE B 327 23.80 1.85 -30.17
CA ILE B 327 23.67 1.89 -31.64
C ILE B 327 25.02 1.62 -32.27
N ALA B 328 26.12 2.09 -31.63
CA ALA B 328 27.48 1.85 -32.11
C ALA B 328 27.86 0.39 -31.91
N SER B 329 27.36 -0.25 -30.84
CA SER B 329 27.56 -1.66 -30.49
C SER B 329 26.73 -2.61 -31.37
N PHE B 330 25.62 -2.11 -31.94
CA PHE B 330 24.81 -2.89 -32.90
C PHE B 330 25.47 -2.81 -34.29
N ARG B 331 26.12 -1.68 -34.61
CA ARG B 331 26.83 -1.48 -35.89
C ARG B 331 28.05 -2.37 -35.97
N ILE B 332 28.82 -2.51 -34.87
CA ILE B 332 29.98 -3.41 -34.89
C ILE B 332 29.51 -4.90 -34.98
N LEU B 333 28.25 -5.18 -34.60
CA LEU B 333 27.65 -6.50 -34.70
C LEU B 333 27.31 -6.82 -36.15
N ALA B 334 26.75 -5.83 -36.87
CA ALA B 334 26.43 -5.90 -38.29
C ALA B 334 27.67 -5.69 -39.18
N SER B 335 28.89 -5.71 -38.61
CA SER B 335 30.16 -5.52 -39.32
C SER B 335 30.20 -4.19 -40.08
N ASP B 336 29.73 -3.13 -39.41
CA ASP B 336 29.67 -1.74 -39.85
C ASP B 336 28.57 -1.46 -40.89
N LYS B 337 27.43 -2.14 -40.82
CA LYS B 337 26.32 -1.88 -41.76
C LYS B 337 25.26 -1.01 -41.10
N PRO B 338 24.64 -0.06 -41.84
CA PRO B 338 23.59 0.78 -41.22
C PRO B 338 22.31 0.03 -40.81
N TYR B 339 22.21 -1.26 -41.17
CA TYR B 339 21.15 -2.20 -40.88
C TYR B 339 21.76 -3.48 -40.29
N ILE B 340 20.94 -4.42 -39.80
CA ILE B 340 21.44 -5.71 -39.33
C ILE B 340 20.49 -6.83 -39.80
N LEU B 341 21.01 -8.04 -40.04
CA LEU B 341 20.18 -9.16 -40.48
C LEU B 341 19.72 -10.00 -39.29
N ALA B 342 18.59 -10.71 -39.47
CA ALA B 342 18.06 -11.62 -38.45
C ALA B 342 19.09 -12.72 -38.13
N GLU B 343 19.79 -13.18 -39.17
CA GLU B 343 20.83 -14.21 -39.14
C GLU B 343 22.03 -13.78 -38.29
N GLU B 344 22.37 -12.48 -38.35
CA GLU B 344 23.48 -11.91 -37.60
C GLU B 344 23.18 -11.85 -36.11
N LEU B 345 21.94 -11.44 -35.76
CA LEU B 345 21.47 -11.29 -34.37
C LEU B 345 21.53 -12.61 -33.59
N ARG B 346 21.18 -13.73 -34.25
CA ARG B 346 21.21 -15.03 -33.58
C ARG B 346 22.59 -15.72 -33.70
N ARG B 347 23.46 -15.26 -34.62
CA ARG B 347 24.80 -15.79 -34.82
C ARG B 347 25.69 -15.45 -33.63
N GLU B 348 25.59 -14.22 -33.11
CA GLU B 348 26.42 -13.79 -31.99
C GLU B 348 25.68 -13.82 -30.64
N LEU B 349 24.54 -13.09 -30.53
CA LEU B 349 23.77 -12.94 -29.29
C LEU B 349 23.21 -14.26 -28.76
N PRO B 350 22.96 -14.35 -27.43
CA PRO B 350 22.34 -15.57 -26.89
C PRO B 350 20.95 -15.75 -27.50
N PRO B 351 20.58 -16.99 -27.89
CA PRO B 351 19.29 -17.20 -28.57
C PRO B 351 18.07 -16.56 -27.91
N ASP B 352 18.07 -16.41 -26.57
CA ASP B 352 16.93 -15.82 -25.87
C ASP B 352 16.83 -14.32 -26.15
N GLN B 353 17.95 -13.61 -26.02
CA GLN B 353 18.02 -12.17 -26.24
C GLN B 353 18.04 -11.80 -27.75
N ALA B 354 18.31 -12.76 -28.65
CA ALA B 354 18.34 -12.52 -30.09
C ALA B 354 16.95 -12.42 -30.68
N GLN B 355 16.01 -13.23 -30.16
CA GLN B 355 14.64 -13.26 -30.66
C GLN B 355 13.85 -12.01 -30.29
N TYR B 356 14.22 -11.32 -29.19
CA TYR B 356 13.51 -10.08 -28.86
C TYR B 356 13.84 -8.96 -29.87
N CYS B 357 15.04 -9.01 -30.46
CA CYS B 357 15.46 -8.03 -31.43
C CYS B 357 14.81 -8.32 -32.77
N ILE B 358 14.87 -9.58 -33.25
CA ILE B 358 14.31 -9.93 -34.56
C ILE B 358 12.79 -9.64 -34.65
N LYS B 359 12.10 -9.52 -33.49
CA LYS B 359 10.66 -9.26 -33.43
C LYS B 359 10.34 -7.77 -33.30
N ARG B 360 11.03 -7.07 -32.39
CA ARG B 360 10.75 -5.67 -32.08
C ARG B 360 11.51 -4.66 -32.99
N MET B 361 12.46 -5.13 -33.84
CA MET B 361 13.22 -4.20 -34.70
C MET B 361 12.44 -3.89 -35.98
N PRO B 362 12.40 -2.60 -36.36
CA PRO B 362 11.61 -2.22 -37.54
C PRO B 362 12.33 -2.41 -38.88
N ALA B 363 11.69 -1.97 -39.98
CA ALA B 363 12.27 -2.06 -41.32
C ALA B 363 13.33 -0.98 -41.51
N TYR B 364 14.46 -1.33 -42.16
CA TYR B 364 15.54 -0.40 -42.40
C TYR B 364 15.09 0.74 -43.33
N SER B 365 14.78 0.45 -44.62
CA SER B 365 14.29 1.45 -45.58
C SER B 365 15.20 2.69 -45.70
N GLY B 366 16.51 2.53 -45.47
CA GLY B 366 17.46 3.64 -45.55
C GLY B 366 18.04 3.85 -46.93
N PRO B 367 19.22 4.49 -47.01
CA PRO B 367 19.83 4.74 -48.33
C PRO B 367 20.42 3.48 -48.96
N GLY B 368 21.05 2.63 -48.16
CA GLY B 368 21.63 1.37 -48.64
C GLY B 368 20.73 0.19 -48.35
N SER B 369 19.45 0.33 -48.73
CA SER B 369 18.37 -0.63 -48.52
C SER B 369 18.65 -2.03 -49.08
N VAL B 370 18.07 -3.04 -48.44
CA VAL B 370 18.22 -4.47 -48.75
C VAL B 370 17.04 -5.24 -48.09
N PRO B 371 16.43 -6.24 -48.75
CA PRO B 371 15.29 -6.95 -48.13
C PRO B 371 15.67 -7.68 -46.83
N GLY B 372 14.81 -7.54 -45.81
CA GLY B 372 15.01 -8.18 -44.52
C GLY B 372 15.96 -7.46 -43.58
N ALA B 373 16.30 -6.21 -43.92
CA ALA B 373 17.22 -5.40 -43.13
C ALA B 373 16.51 -4.74 -41.97
N LEU B 374 16.99 -4.99 -40.76
CA LEU B 374 16.41 -4.41 -39.56
C LEU B 374 17.06 -3.07 -39.24
N ASP B 375 16.28 -2.12 -38.68
CA ASP B 375 16.78 -0.80 -38.34
C ASP B 375 17.07 -0.70 -36.85
N TYR B 376 18.33 -0.86 -36.44
CA TYR B 376 18.69 -0.78 -35.03
C TYR B 376 18.76 0.68 -34.54
N ALA B 377 18.88 1.66 -35.45
CA ALA B 377 18.94 3.07 -35.10
C ALA B 377 17.60 3.55 -34.54
N ALA B 378 16.49 3.02 -35.06
CA ALA B 378 15.16 3.37 -34.58
C ALA B 378 14.70 2.45 -33.43
N PHE B 379 15.30 1.25 -33.29
CA PHE B 379 14.96 0.35 -32.20
C PHE B 379 15.60 0.84 -30.93
N SER B 380 16.91 1.13 -30.97
CA SER B 380 17.63 1.57 -29.80
C SER B 380 17.23 2.97 -29.36
N SER B 381 17.06 3.91 -30.31
CA SER B 381 16.65 5.28 -29.96
C SER B 381 15.20 5.32 -29.39
N ALA B 382 14.41 4.26 -29.56
CA ALA B 382 13.07 4.20 -28.98
C ALA B 382 13.15 3.67 -27.54
N LEU B 383 14.11 2.76 -27.25
CA LEU B 383 14.33 2.22 -25.91
C LEU B 383 14.65 3.31 -24.89
N TYR B 384 15.26 4.41 -25.34
CA TYR B 384 15.64 5.51 -24.47
C TYR B 384 14.69 6.74 -24.60
N GLY B 385 13.49 6.52 -25.15
CA GLY B 385 12.51 7.58 -25.32
C GLY B 385 12.49 8.18 -26.72
N THR C 93 13.01 17.23 3.03
CA THR C 93 13.63 16.16 3.80
C THR C 93 13.99 15.03 2.78
N TYR C 94 13.22 13.92 2.67
CA TYR C 94 13.45 12.85 1.67
C TYR C 94 12.20 12.71 0.80
N ILE C 95 12.17 13.37 -0.37
CA ILE C 95 11.02 13.37 -1.26
C ILE C 95 10.73 11.99 -1.88
N SER C 96 9.45 11.76 -2.20
CA SER C 96 8.94 10.53 -2.78
C SER C 96 8.41 10.79 -4.18
N PRO C 97 8.73 9.91 -5.14
CA PRO C 97 8.23 10.10 -6.53
C PRO C 97 6.70 10.15 -6.62
N TRP C 98 6.02 9.47 -5.69
CA TRP C 98 4.57 9.40 -5.60
C TRP C 98 3.99 10.77 -5.24
N GLU C 99 4.64 11.49 -4.32
CA GLU C 99 4.18 12.80 -3.87
C GLU C 99 4.37 13.89 -4.93
N ARG C 100 5.54 13.95 -5.59
CA ARG C 100 5.80 14.96 -6.63
C ARG C 100 4.84 14.83 -7.79
N ALA C 101 4.45 13.59 -8.13
CA ALA C 101 3.55 13.31 -9.23
C ALA C 101 2.13 13.81 -8.97
N MET C 102 1.59 13.59 -7.76
CA MET C 102 0.24 14.04 -7.45
C MET C 102 0.14 15.53 -7.10
N GLY C 103 1.27 16.17 -6.80
CA GLY C 103 1.28 17.59 -6.49
C GLY C 103 1.61 17.92 -5.05
N VAL C 104 2.80 17.52 -4.60
CA VAL C 104 3.23 17.81 -3.23
C VAL C 104 3.88 19.21 -3.16
N ASP C 105 3.84 19.83 -1.97
CA ASP C 105 4.46 21.15 -1.76
C ASP C 105 5.96 20.94 -1.53
N PRO C 106 6.84 21.75 -2.15
CA PRO C 106 8.28 21.56 -1.93
C PRO C 106 8.69 21.88 -0.48
N GLN C 107 8.04 22.89 0.12
CA GLN C 107 8.30 23.30 1.50
C GLN C 107 7.01 23.24 2.32
N GLN C 108 6.86 22.18 3.15
CA GLN C 108 5.73 21.94 4.04
C GLN C 108 4.39 22.01 3.30
N LYS C 122 -15.64 9.87 21.14
CA LYS C 122 -15.96 11.30 21.11
C LYS C 122 -17.38 11.54 20.54
N ALA C 123 -18.34 10.68 20.87
CA ALA C 123 -19.70 10.81 20.35
C ALA C 123 -20.75 10.90 21.46
N GLU C 124 -21.44 12.04 21.56
CA GLU C 124 -22.50 12.22 22.54
C GLU C 124 -23.79 11.58 22.00
N LEU C 125 -24.30 10.58 22.69
CA LEU C 125 -25.51 9.87 22.29
C LEU C 125 -26.78 10.67 22.65
N PRO C 126 -27.89 10.53 21.89
CA PRO C 126 -29.12 11.25 22.26
C PRO C 126 -29.69 10.64 23.53
N LYS C 127 -29.98 11.47 24.55
CA LYS C 127 -30.46 10.96 25.83
C LYS C 127 -31.93 10.53 25.74
N TYR C 128 -32.31 9.52 26.54
CA TYR C 128 -33.67 8.97 26.48
C TYR C 128 -34.44 9.05 27.79
N LYS C 129 -35.75 9.37 27.67
CA LYS C 129 -36.67 9.42 28.80
C LYS C 129 -37.09 8.00 29.13
N SER C 130 -36.39 7.33 30.06
CA SER C 130 -36.69 5.93 30.41
C SER C 130 -38.09 5.79 30.99
N PHE C 131 -38.90 4.91 30.41
CA PHE C 131 -40.26 4.71 30.88
C PHE C 131 -40.36 3.55 31.88
N ASN C 132 -39.33 3.40 32.72
CA ASN C 132 -39.30 2.39 33.76
C ASN C 132 -40.26 2.80 34.88
N ARG C 133 -41.08 1.85 35.36
CA ARG C 133 -42.03 2.14 36.42
C ARG C 133 -41.73 1.32 37.66
N THR C 134 -42.03 1.88 38.83
CA THR C 134 -41.80 1.23 40.10
C THR C 134 -43.13 1.06 40.84
N ALA C 135 -43.35 -0.11 41.42
CA ALA C 135 -44.58 -0.38 42.14
C ALA C 135 -44.64 0.44 43.42
N MET C 136 -45.81 1.01 43.72
CA MET C 136 -46.02 1.84 44.90
C MET C 136 -45.90 1.03 46.18
N PRO C 137 -44.94 1.38 47.05
CA PRO C 137 -44.85 0.69 48.35
C PRO C 137 -46.06 1.06 49.21
N TYR C 138 -46.51 0.14 50.09
CA TYR C 138 -47.71 0.38 50.90
C TYR C 138 -47.66 1.69 51.70
N GLY C 139 -48.76 2.43 51.64
CA GLY C 139 -48.90 3.73 52.29
C GLY C 139 -48.69 4.85 51.30
N GLY C 140 -47.61 5.59 51.48
CA GLY C 140 -47.24 6.69 50.62
C GLY C 140 -45.95 6.45 49.86
N TYR C 141 -45.53 7.43 49.05
CA TYR C 141 -44.30 7.33 48.27
C TYR C 141 -43.09 7.93 49.04
N GLU C 142 -43.35 8.95 49.88
CA GLU C 142 -42.35 9.66 50.68
C GLU C 142 -41.57 8.73 51.63
N LYS C 143 -42.19 7.65 52.11
CA LYS C 143 -41.53 6.70 53.00
C LYS C 143 -40.91 5.55 52.21
#